data_2OAS
#
_entry.id   2OAS
#
_cell.length_a   80.157
_cell.length_b   111.337
_cell.length_c   179.430
_cell.angle_alpha   90.00
_cell.angle_beta   90.00
_cell.angle_gamma   90.00
#
_symmetry.space_group_name_H-M   'C 2 2 21'
#
loop_
_entity.id
_entity.type
_entity.pdbx_description
1 polymer '4-hydroxybutyrate coenzyme A transferase'
2 non-polymer 'COENZYME A'
3 water water
#
_entity_poly.entity_id   1
_entity_poly.type   'polypeptide(L)'
_entity_poly.pdbx_seq_one_letter_code
;(MSE)PAIVCQSALEAVSLIRSGETLWTHS(MSE)GATPKVLLDALAKHALTLDNITLLQLHTEGAESLSHPSLLGHLRH
RCFFGGVPTRPLLQSGDADYVPIFLSEVPKLFRSGEQKIDTAIIQVSPPDKHG(MSE)CSLGISVEATLAACQVAGKIIA
HINPQ(MSE)PRTHGDGFIHIDRFAAVYEQSASLPIHSFATGDAVSLAIGQHVAELVRDGDCLQ(MSE)GIGAIPDAVLS
CLTGHKDLGVHTELFSDGILQLVEKGVINNTKKRFYPGKLVTGFALGSQKLYDYVDDNPAVIF(MSE)DIEQVNDTSIIR
KNPNV(MSE)AINSALQVDLTGQVCADSIGTKIYSGVGGQ(MSE)DFIRGAGLSEGGRSVIALPSTAAGGRISRIASVLS
PGAGVVTTRAHVHYIVTEYGAANLKGRSLRERAQALINIAHPDFREQLSRDAFEVWGLNLLEHHHHHH
;
_entity_poly.pdbx_strand_id   A,B
#
# COMPACT_ATOMS: atom_id res chain seq x y z
N PRO A 2 -11.70 -41.57 8.50
CA PRO A 2 -12.14 -41.66 9.92
C PRO A 2 -13.05 -40.51 10.34
N ALA A 3 -13.78 -39.94 9.40
CA ALA A 3 -14.70 -38.85 9.72
C ALA A 3 -16.00 -39.43 10.23
N ILE A 4 -16.67 -38.68 11.10
CA ILE A 4 -17.93 -39.12 11.66
C ILE A 4 -19.08 -38.63 10.79
N VAL A 5 -19.87 -39.56 10.27
CA VAL A 5 -21.00 -39.23 9.42
C VAL A 5 -22.22 -38.85 10.25
N CYS A 6 -22.35 -37.58 10.56
CA CYS A 6 -23.48 -37.10 11.34
C CYS A 6 -24.79 -37.22 10.61
N GLN A 7 -25.87 -37.39 11.36
CA GLN A 7 -27.19 -37.51 10.76
C GLN A 7 -27.94 -36.19 10.79
N SER A 8 -27.38 -35.20 11.47
CA SER A 8 -28.00 -33.87 11.54
C SER A 8 -26.93 -32.79 11.70
N ALA A 9 -27.24 -31.56 11.28
CA ALA A 9 -26.29 -30.46 11.38
C ALA A 9 -25.91 -30.21 12.83
N LEU A 10 -26.85 -30.40 13.74
CA LEU A 10 -26.59 -30.17 15.16
C LEU A 10 -25.57 -31.19 15.66
N GLU A 11 -25.64 -32.40 15.13
CA GLU A 11 -24.70 -33.45 15.54
C GLU A 11 -23.28 -33.09 15.11
N ALA A 12 -23.16 -32.48 13.95
CA ALA A 12 -21.87 -32.08 13.43
C ALA A 12 -21.30 -30.93 14.24
N VAL A 13 -22.14 -29.94 14.51
CA VAL A 13 -21.69 -28.78 15.26
C VAL A 13 -21.35 -29.10 16.71
N SER A 14 -21.94 -30.18 17.24
CA SER A 14 -21.71 -30.58 18.62
C SER A 14 -20.25 -30.68 19.05
N LEU A 15 -19.39 -31.13 18.14
CA LEU A 15 -17.96 -31.27 18.45
C LEU A 15 -17.39 -29.94 18.93
N ILE A 16 -17.93 -28.84 18.44
CA ILE A 16 -17.42 -27.53 18.86
C ILE A 16 -17.59 -27.41 20.35
N ARG A 17 -16.51 -27.02 21.04
CA ARG A 17 -16.50 -26.85 22.50
C ARG A 17 -16.31 -25.38 22.86
N SER A 18 -16.56 -25.03 24.12
CA SER A 18 -16.42 -23.64 24.55
C SER A 18 -15.02 -23.04 24.47
N GLY A 19 -14.97 -21.72 24.29
CA GLY A 19 -13.69 -21.04 24.21
C GLY A 19 -12.93 -21.20 22.91
N GLU A 20 -13.47 -21.98 21.98
CA GLU A 20 -12.80 -22.22 20.72
C GLU A 20 -12.84 -21.04 19.75
N THR A 21 -11.82 -20.97 18.90
CA THR A 21 -11.74 -19.94 17.88
C THR A 21 -12.11 -20.68 16.61
N LEU A 22 -13.17 -20.22 15.97
CA LEU A 22 -13.69 -20.82 14.77
C LEU A 22 -13.48 -19.99 13.50
N TRP A 23 -13.43 -20.70 12.38
CA TRP A 23 -13.32 -20.06 11.08
C TRP A 23 -14.46 -20.60 10.25
N THR A 24 -15.04 -19.75 9.42
CA THR A 24 -16.14 -20.16 8.57
C THR A 24 -15.88 -19.86 7.10
N HIS A 25 -16.30 -20.78 6.24
CA HIS A 25 -16.17 -20.63 4.80
C HIS A 25 -16.89 -19.29 4.57
N SER A 26 -16.35 -18.44 3.71
CA SER A 26 -16.98 -17.15 3.47
C SER A 26 -17.64 -16.96 2.10
N GLY A 28 -20.15 -16.89 -0.94
CA GLY A 28 -21.21 -17.78 -1.38
C GLY A 28 -21.14 -19.16 -0.76
N ALA A 29 -20.02 -19.47 -0.12
CA ALA A 29 -19.84 -20.81 0.50
C ALA A 29 -20.21 -20.87 1.97
N THR A 30 -20.58 -19.73 2.55
CA THR A 30 -20.95 -19.68 3.97
C THR A 30 -21.83 -20.89 4.29
N PRO A 31 -21.38 -21.73 5.22
CA PRO A 31 -22.11 -22.93 5.62
C PRO A 31 -23.34 -22.63 6.44
N LYS A 32 -24.33 -22.03 5.80
CA LYS A 32 -25.59 -21.69 6.45
C LYS A 32 -26.21 -22.87 7.22
N VAL A 33 -26.25 -24.03 6.57
CA VAL A 33 -26.83 -25.21 7.19
C VAL A 33 -26.18 -25.53 8.52
N LEU A 34 -24.86 -25.39 8.57
CA LEU A 34 -24.11 -25.66 9.79
C LEU A 34 -24.16 -24.49 10.75
N LEU A 35 -24.08 -23.27 10.21
CA LEU A 35 -24.10 -22.09 11.05
C LEU A 35 -25.44 -21.93 11.75
N ASP A 36 -26.52 -22.40 11.14
CA ASP A 36 -27.83 -22.29 11.79
C ASP A 36 -27.88 -23.26 12.95
N ALA A 37 -27.22 -24.41 12.81
CA ALA A 37 -27.23 -25.37 13.90
C ALA A 37 -26.37 -24.84 15.05
N LEU A 38 -25.36 -24.06 14.71
CA LEU A 38 -24.47 -23.48 15.71
C LEU A 38 -25.19 -22.33 16.43
N ALA A 39 -26.22 -21.81 15.78
CA ALA A 39 -27.00 -20.70 16.34
C ALA A 39 -27.67 -21.20 17.60
N LYS A 40 -27.85 -22.51 17.69
CA LYS A 40 -28.47 -23.10 18.87
C LYS A 40 -27.46 -23.76 19.79
N HIS A 41 -26.64 -24.64 19.24
CA HIS A 41 -25.62 -25.35 20.03
C HIS A 41 -24.73 -24.38 20.83
N ALA A 42 -24.40 -23.26 20.21
CA ALA A 42 -23.55 -22.26 20.86
C ALA A 42 -24.21 -21.71 22.13
N LEU A 43 -25.52 -21.83 22.22
CA LEU A 43 -26.25 -21.33 23.38
C LEU A 43 -25.82 -22.02 24.67
N THR A 44 -25.23 -23.21 24.53
CA THR A 44 -24.76 -23.99 25.67
C THR A 44 -23.26 -23.78 25.89
N LEU A 45 -22.63 -22.99 25.01
CA LEU A 45 -21.19 -22.75 25.12
C LEU A 45 -20.94 -21.30 25.51
N ASP A 46 -19.68 -20.90 25.48
CA ASP A 46 -19.32 -19.52 25.76
C ASP A 46 -17.90 -19.26 25.29
N ASN A 47 -17.56 -17.98 25.23
CA ASN A 47 -16.23 -17.57 24.81
C ASN A 47 -15.91 -18.10 23.43
N ILE A 48 -16.91 -18.15 22.55
CA ILE A 48 -16.71 -18.64 21.20
C ILE A 48 -16.43 -17.46 20.27
N THR A 49 -15.26 -17.49 19.62
CA THR A 49 -14.88 -16.43 18.67
C THR A 49 -14.98 -17.00 17.27
N LEU A 50 -15.60 -16.25 16.37
CA LEU A 50 -15.77 -16.70 14.99
C LEU A 50 -15.11 -15.74 14.00
N LEU A 51 -13.98 -16.18 13.45
CA LEU A 51 -13.23 -15.41 12.46
C LEU A 51 -13.93 -15.57 11.12
N GLN A 52 -13.95 -14.52 10.31
CA GLN A 52 -14.64 -14.58 9.04
C GLN A 52 -14.32 -13.43 8.10
N LEU A 53 -14.90 -13.52 6.91
CA LEU A 53 -14.76 -12.48 5.89
C LEU A 53 -16.21 -12.12 5.63
N HIS A 54 -16.52 -11.68 4.42
CA HIS A 54 -17.89 -11.33 4.07
C HIS A 54 -18.70 -12.63 4.11
N THR A 55 -19.81 -12.63 4.85
CA THR A 55 -20.63 -13.83 4.95
C THR A 55 -22.01 -13.63 4.33
N GLU A 56 -22.67 -14.72 3.96
CA GLU A 56 -23.99 -14.62 3.35
C GLU A 56 -24.99 -15.55 4.03
N GLY A 57 -26.16 -15.03 4.38
CA GLY A 57 -27.18 -15.85 5.01
C GLY A 57 -26.86 -16.37 6.40
N ALA A 58 -26.01 -15.66 7.14
CA ALA A 58 -25.66 -16.09 8.50
C ALA A 58 -26.20 -15.13 9.55
N GLU A 59 -27.32 -14.46 9.23
CA GLU A 59 -27.89 -13.52 10.19
C GLU A 59 -28.45 -14.17 11.44
N SER A 60 -28.55 -15.50 11.44
CA SER A 60 -29.05 -16.19 12.62
C SER A 60 -28.00 -16.12 13.74
N LEU A 61 -26.73 -16.02 13.36
CA LEU A 61 -25.64 -15.94 14.31
C LEU A 61 -25.45 -14.53 14.85
N SER A 62 -26.28 -13.59 14.39
CA SER A 62 -26.16 -12.22 14.86
C SER A 62 -27.33 -11.86 15.77
N HIS A 63 -28.09 -12.87 16.17
CA HIS A 63 -29.23 -12.70 17.06
C HIS A 63 -28.72 -12.42 18.48
N PRO A 64 -29.35 -11.45 19.17
CA PRO A 64 -28.99 -11.04 20.54
C PRO A 64 -28.81 -12.20 21.50
N SER A 65 -29.53 -13.28 21.25
CA SER A 65 -29.42 -14.45 22.10
C SER A 65 -28.01 -15.03 22.11
N LEU A 66 -27.20 -14.73 21.10
CA LEU A 66 -25.83 -15.27 21.08
C LEU A 66 -24.83 -14.40 21.83
N LEU A 67 -25.27 -13.22 22.28
CA LEU A 67 -24.37 -12.32 22.99
C LEU A 67 -23.95 -12.95 24.31
N GLY A 68 -22.64 -13.08 24.48
CA GLY A 68 -22.14 -13.70 25.69
C GLY A 68 -21.70 -15.12 25.41
N HIS A 69 -22.19 -15.70 24.33
CA HIS A 69 -21.80 -17.05 23.96
C HIS A 69 -20.82 -17.03 22.80
N LEU A 70 -21.14 -16.22 21.79
CA LEU A 70 -20.32 -16.12 20.61
C LEU A 70 -20.10 -14.66 20.22
N ARG A 71 -18.93 -14.36 19.66
CA ARG A 71 -18.61 -13.01 19.22
C ARG A 71 -17.98 -13.12 17.85
N HIS A 72 -18.35 -12.22 16.95
CA HIS A 72 -17.80 -12.20 15.60
C HIS A 72 -16.50 -11.41 15.50
N ARG A 73 -15.49 -11.97 14.81
CA ARG A 73 -14.20 -11.30 14.59
C ARG A 73 -14.08 -11.18 13.08
N CYS A 74 -14.38 -9.99 12.56
CA CYS A 74 -14.38 -9.77 11.12
C CYS A 74 -13.16 -9.16 10.46
N PHE A 75 -12.71 -9.82 9.40
CA PHE A 75 -11.59 -9.34 8.61
C PHE A 75 -12.23 -8.50 7.52
N PHE A 76 -13.55 -8.62 7.42
CA PHE A 76 -14.32 -7.89 6.42
C PHE A 76 -15.77 -7.93 6.89
N GLY A 77 -16.38 -6.77 7.00
CA GLY A 77 -17.77 -6.72 7.44
C GLY A 77 -18.82 -7.04 6.40
N GLY A 78 -20.00 -7.38 6.88
CA GLY A 78 -21.11 -7.70 6.02
C GLY A 78 -22.43 -7.19 6.57
N VAL A 79 -23.51 -7.48 5.87
CA VAL A 79 -24.85 -7.06 6.27
C VAL A 79 -25.23 -7.47 7.70
N PRO A 80 -25.01 -8.74 8.07
CA PRO A 80 -25.35 -9.21 9.41
C PRO A 80 -24.37 -8.78 10.52
N THR A 81 -23.23 -8.22 10.15
CA THR A 81 -22.26 -7.82 11.14
C THR A 81 -22.13 -6.32 11.37
N ARG A 82 -22.45 -5.52 10.35
CA ARG A 82 -22.35 -4.06 10.45
C ARG A 82 -22.99 -3.49 11.72
N PRO A 83 -24.25 -3.86 11.98
CA PRO A 83 -24.91 -3.33 13.17
C PRO A 83 -24.18 -3.72 14.45
N LEU A 84 -23.57 -4.90 14.44
CA LEU A 84 -22.84 -5.38 15.60
C LEU A 84 -21.49 -4.66 15.73
N LEU A 85 -20.84 -4.39 14.61
CA LEU A 85 -19.56 -3.71 14.65
C LEU A 85 -19.77 -2.27 15.14
N GLN A 86 -20.76 -1.61 14.55
CA GLN A 86 -21.09 -0.22 14.90
C GLN A 86 -21.55 -0.13 16.35
N SER A 87 -22.15 -1.19 16.85
CA SER A 87 -22.63 -1.20 18.23
C SER A 87 -21.57 -1.73 19.19
N GLY A 88 -20.38 -1.98 18.65
CA GLY A 88 -19.28 -2.48 19.46
C GLY A 88 -19.48 -3.89 20.02
N ASP A 89 -20.33 -4.69 19.39
CA ASP A 89 -20.58 -6.06 19.86
C ASP A 89 -19.71 -7.05 19.12
N ALA A 90 -19.11 -6.60 18.03
CA ALA A 90 -18.24 -7.44 17.22
C ALA A 90 -16.92 -6.72 17.04
N ASP A 91 -15.91 -7.47 16.59
CA ASP A 91 -14.59 -6.91 16.39
C ASP A 91 -14.20 -6.89 14.93
N TYR A 92 -13.58 -5.79 14.51
CA TYR A 92 -13.12 -5.64 13.13
C TYR A 92 -11.60 -5.60 13.12
N VAL A 93 -11.00 -6.53 12.37
CA VAL A 93 -9.55 -6.62 12.25
C VAL A 93 -9.11 -6.22 10.86
N PRO A 94 -8.57 -5.01 10.71
CA PRO A 94 -8.14 -4.60 9.37
C PRO A 94 -6.94 -5.43 8.88
N ILE A 95 -7.04 -5.98 7.67
CA ILE A 95 -5.96 -6.81 7.12
C ILE A 95 -6.14 -7.09 5.64
N PHE A 96 -5.06 -7.02 4.86
CA PHE A 96 -5.17 -7.30 3.42
C PHE A 96 -5.68 -8.73 3.31
N LEU A 97 -6.52 -8.98 2.32
CA LEU A 97 -7.06 -10.30 2.14
C LEU A 97 -5.94 -11.31 1.89
N SER A 98 -4.97 -10.94 1.06
CA SER A 98 -3.86 -11.84 0.76
C SER A 98 -3.00 -12.14 2.00
N GLU A 99 -3.14 -11.33 3.04
CA GLU A 99 -2.36 -11.53 4.27
C GLU A 99 -3.04 -12.50 5.23
N VAL A 100 -4.33 -12.78 5.00
CA VAL A 100 -5.04 -13.66 5.90
C VAL A 100 -4.46 -15.07 5.94
N PRO A 101 -4.16 -15.67 4.78
CA PRO A 101 -3.60 -17.02 4.74
C PRO A 101 -2.30 -17.10 5.54
N LYS A 102 -1.50 -16.05 5.44
CA LYS A 102 -0.22 -15.97 6.15
C LYS A 102 -0.42 -15.88 7.67
N LEU A 103 -1.44 -15.16 8.12
CA LEU A 103 -1.74 -15.01 9.54
C LEU A 103 -2.05 -16.38 10.12
N PHE A 104 -2.70 -17.22 9.32
CA PHE A 104 -3.04 -18.55 9.78
C PHE A 104 -1.82 -19.45 9.71
N ARG A 105 -1.19 -19.52 8.55
CA ARG A 105 -0.03 -20.39 8.38
C ARG A 105 1.15 -20.07 9.31
N SER A 106 1.40 -18.78 9.53
CA SER A 106 2.49 -18.35 10.41
C SER A 106 2.18 -18.70 11.85
N GLY A 107 0.95 -19.17 12.08
CA GLY A 107 0.54 -19.54 13.41
C GLY A 107 0.24 -18.35 14.29
N GLU A 108 0.25 -17.15 13.73
CA GLU A 108 -0.04 -15.95 14.51
C GLU A 108 -1.46 -15.98 15.05
N GLN A 109 -2.39 -16.51 14.25
CA GLN A 109 -3.79 -16.62 14.64
C GLN A 109 -4.21 -18.09 14.60
N LYS A 110 -4.48 -18.64 15.77
CA LYS A 110 -4.87 -20.02 15.92
C LYS A 110 -6.32 -20.25 15.52
N ILE A 111 -6.60 -21.44 15.01
CA ILE A 111 -7.94 -21.82 14.61
C ILE A 111 -8.22 -23.22 15.15
N ASP A 112 -9.19 -23.35 16.05
CA ASP A 112 -9.51 -24.66 16.61
C ASP A 112 -10.35 -25.50 15.66
N THR A 113 -11.26 -24.86 14.95
CA THR A 113 -12.08 -25.60 14.01
C THR A 113 -12.59 -24.73 12.87
N ALA A 114 -12.62 -25.30 11.67
CA ALA A 114 -13.08 -24.59 10.48
C ALA A 114 -14.39 -25.19 9.99
N ILE A 115 -15.40 -24.35 9.82
CA ILE A 115 -16.68 -24.80 9.31
C ILE A 115 -16.66 -24.56 7.81
N ILE A 116 -16.89 -25.60 7.03
CA ILE A 116 -16.85 -25.41 5.60
C ILE A 116 -17.94 -26.15 4.84
N GLN A 117 -18.15 -25.74 3.59
CA GLN A 117 -19.15 -26.35 2.74
C GLN A 117 -18.44 -26.88 1.49
N VAL A 118 -18.52 -28.19 1.24
CA VAL A 118 -17.86 -28.77 0.07
C VAL A 118 -18.74 -29.63 -0.83
N SER A 119 -18.23 -29.94 -2.00
CA SER A 119 -18.97 -30.80 -2.93
C SER A 119 -18.74 -32.21 -2.43
N PRO A 120 -19.65 -33.13 -2.76
CA PRO A 120 -19.48 -34.50 -2.30
C PRO A 120 -18.15 -35.10 -2.75
N PRO A 121 -17.61 -36.02 -1.95
CA PRO A 121 -16.35 -36.66 -2.30
C PRO A 121 -16.46 -37.49 -3.56
N ASP A 122 -15.37 -37.56 -4.33
CA ASP A 122 -15.35 -38.37 -5.56
C ASP A 122 -14.77 -39.74 -5.31
N LYS A 123 -14.61 -40.51 -6.38
CA LYS A 123 -14.06 -41.87 -6.26
C LYS A 123 -12.76 -41.91 -5.44
N HIS A 124 -12.04 -40.79 -5.43
CA HIS A 124 -10.77 -40.68 -4.69
C HIS A 124 -10.96 -40.05 -3.32
N GLY A 125 -12.22 -39.78 -2.96
CA GLY A 125 -12.51 -39.18 -1.68
C GLY A 125 -12.13 -37.71 -1.62
N CYS A 127 -12.98 -33.70 -2.11
CA CYS A 127 -14.06 -32.74 -2.09
C CYS A 127 -13.53 -31.38 -2.55
N SER A 128 -14.44 -30.45 -2.78
CA SER A 128 -14.04 -29.14 -3.26
C SER A 128 -14.63 -28.03 -2.39
N LEU A 129 -13.83 -26.98 -2.17
CA LEU A 129 -14.27 -25.83 -1.41
C LEU A 129 -15.22 -25.04 -2.28
N GLY A 130 -15.39 -25.49 -3.52
CA GLY A 130 -16.31 -24.84 -4.43
C GLY A 130 -16.12 -23.39 -4.83
N ILE A 131 -17.19 -22.60 -4.73
CA ILE A 131 -17.14 -21.20 -5.14
C ILE A 131 -16.33 -20.26 -4.25
N SER A 132 -15.80 -20.78 -3.15
CA SER A 132 -14.99 -19.95 -2.28
C SER A 132 -13.73 -20.64 -1.78
N VAL A 133 -12.60 -20.27 -2.36
CA VAL A 133 -11.33 -20.83 -1.92
C VAL A 133 -10.77 -19.82 -0.94
N GLU A 134 -10.68 -18.57 -1.37
CA GLU A 134 -10.17 -17.50 -0.51
C GLU A 134 -9.11 -17.94 0.50
N ALA A 135 -9.37 -17.74 1.78
CA ALA A 135 -8.42 -18.11 2.82
C ALA A 135 -8.85 -19.31 3.62
N THR A 136 -9.94 -19.94 3.22
CA THR A 136 -10.45 -21.11 3.93
C THR A 136 -9.47 -22.29 3.76
N LEU A 137 -8.86 -22.38 2.59
CA LEU A 137 -7.89 -23.45 2.30
C LEU A 137 -6.77 -23.38 3.34
N ALA A 138 -6.31 -22.16 3.62
CA ALA A 138 -5.24 -21.93 4.59
C ALA A 138 -5.75 -22.23 6.00
N ALA A 139 -7.02 -21.92 6.24
CA ALA A 139 -7.65 -22.16 7.55
C ALA A 139 -7.76 -23.66 7.77
N CYS A 140 -8.12 -24.39 6.73
CA CYS A 140 -8.25 -25.85 6.84
C CYS A 140 -6.90 -26.49 7.09
N GLN A 141 -5.82 -25.78 6.74
CA GLN A 141 -4.48 -26.31 6.91
C GLN A 141 -4.06 -26.29 8.38
N VAL A 142 -4.34 -25.18 9.05
CA VAL A 142 -3.95 -25.04 10.44
C VAL A 142 -5.05 -25.38 11.44
N ALA A 143 -6.28 -25.53 10.97
CA ALA A 143 -7.37 -25.82 11.87
C ALA A 143 -7.17 -27.08 12.69
N GLY A 144 -7.48 -27.01 13.99
CA GLY A 144 -7.35 -28.17 14.85
C GLY A 144 -8.22 -29.32 14.34
N LYS A 145 -9.46 -29.00 13.96
CA LYS A 145 -10.39 -29.99 13.42
C LYS A 145 -11.27 -29.33 12.36
N ILE A 146 -11.83 -30.11 11.44
CA ILE A 146 -12.69 -29.54 10.41
C ILE A 146 -14.08 -30.16 10.41
N ILE A 147 -15.11 -29.31 10.32
CA ILE A 147 -16.50 -29.75 10.28
C ILE A 147 -17.03 -29.31 8.91
N ALA A 148 -17.26 -30.27 8.04
CA ALA A 148 -17.70 -30.02 6.69
C ALA A 148 -19.14 -30.35 6.40
N HIS A 149 -19.74 -29.54 5.54
CA HIS A 149 -21.09 -29.76 5.17
C HIS A 149 -21.05 -30.17 3.71
N ILE A 150 -21.44 -31.41 3.43
CA ILE A 150 -21.43 -31.90 2.06
C ILE A 150 -22.70 -31.51 1.34
N ASN A 151 -22.54 -30.69 0.31
CA ASN A 151 -23.67 -30.21 -0.47
C ASN A 151 -23.54 -30.51 -1.93
N PRO A 152 -24.40 -31.39 -2.45
CA PRO A 152 -24.40 -31.78 -3.86
C PRO A 152 -24.56 -30.59 -4.80
N GLN A 153 -24.97 -29.45 -4.25
CA GLN A 153 -25.17 -28.25 -5.05
C GLN A 153 -23.86 -27.49 -5.19
N PRO A 155 -20.60 -26.61 -6.57
CA PRO A 155 -19.88 -27.02 -7.77
C PRO A 155 -18.44 -27.46 -7.45
N ARG A 156 -17.93 -28.41 -8.23
CA ARG A 156 -16.58 -28.96 -8.07
C ARG A 156 -15.60 -28.08 -8.84
N THR A 157 -15.26 -26.93 -8.27
CA THR A 157 -14.37 -25.98 -8.91
C THR A 157 -12.93 -26.47 -9.10
N HIS A 158 -12.28 -26.00 -10.16
CA HIS A 158 -10.89 -26.38 -10.41
C HIS A 158 -9.95 -25.38 -9.76
N GLY A 159 -8.75 -25.85 -9.44
CA GLY A 159 -7.78 -24.99 -8.77
C GLY A 159 -7.32 -25.57 -7.44
N ASP A 160 -7.17 -24.73 -6.43
CA ASP A 160 -6.71 -25.24 -5.14
C ASP A 160 -7.79 -25.57 -4.12
N GLY A 161 -9.04 -25.62 -4.54
CA GLY A 161 -10.11 -25.92 -3.61
C GLY A 161 -10.29 -27.38 -3.21
N PHE A 162 -9.43 -28.26 -3.68
CA PHE A 162 -9.56 -29.69 -3.34
C PHE A 162 -9.00 -30.08 -1.97
N ILE A 163 -9.72 -30.96 -1.29
CA ILE A 163 -9.34 -31.43 0.05
C ILE A 163 -9.94 -32.82 0.28
N HIS A 164 -9.19 -33.68 0.96
CA HIS A 164 -9.63 -35.05 1.19
C HIS A 164 -10.55 -35.17 2.39
N ILE A 165 -11.58 -35.99 2.26
CA ILE A 165 -12.57 -36.14 3.32
C ILE A 165 -12.02 -36.72 4.63
N ASP A 166 -10.85 -37.34 4.61
CA ASP A 166 -10.31 -37.86 5.86
C ASP A 166 -9.71 -36.76 6.70
N ARG A 167 -9.68 -35.54 6.17
CA ARG A 167 -9.16 -34.40 6.91
C ARG A 167 -10.30 -33.78 7.71
N PHE A 168 -11.47 -34.41 7.66
CA PHE A 168 -12.66 -33.92 8.36
C PHE A 168 -12.93 -34.70 9.65
N ALA A 169 -13.32 -34.01 10.71
CA ALA A 169 -13.62 -34.68 11.97
C ALA A 169 -15.06 -35.13 11.96
N ALA A 170 -15.88 -34.36 11.26
CA ALA A 170 -17.31 -34.63 11.19
C ALA A 170 -17.78 -34.22 9.82
N VAL A 171 -18.90 -34.83 9.40
CA VAL A 171 -19.49 -34.57 8.10
C VAL A 171 -21.01 -34.74 8.11
N TYR A 172 -21.72 -33.74 7.59
CA TYR A 172 -23.18 -33.79 7.48
C TYR A 172 -23.55 -33.49 6.04
N GLU A 173 -24.37 -34.34 5.46
CA GLU A 173 -24.73 -34.16 4.06
C GLU A 173 -26.20 -33.84 3.76
N GLN A 174 -26.40 -32.77 3.01
CA GLN A 174 -27.74 -32.38 2.59
C GLN A 174 -27.64 -31.34 1.48
N SER A 175 -28.53 -31.42 0.49
CA SER A 175 -28.54 -30.46 -0.61
C SER A 175 -29.19 -29.19 -0.10
N ALA A 176 -28.51 -28.07 -0.31
CA ALA A 176 -29.03 -26.79 0.13
C ALA A 176 -28.81 -25.79 -0.99
N SER A 177 -29.50 -24.66 -0.91
CA SER A 177 -29.38 -23.62 -1.92
C SER A 177 -28.18 -22.73 -1.66
N LEU A 178 -27.53 -22.31 -2.74
CA LEU A 178 -26.39 -21.40 -2.62
C LEU A 178 -26.93 -20.01 -2.86
N PRO A 179 -26.47 -19.03 -2.08
CA PRO A 179 -26.95 -17.66 -2.25
C PRO A 179 -26.67 -17.14 -3.66
N ILE A 180 -27.73 -16.91 -4.44
CA ILE A 180 -27.56 -16.43 -5.80
C ILE A 180 -27.09 -14.98 -5.82
N HIS A 181 -27.41 -14.23 -4.78
CA HIS A 181 -27.00 -12.84 -4.70
C HIS A 181 -27.31 -12.09 -6.01
N SER A 182 -28.46 -11.43 -6.04
CA SER A 182 -28.87 -10.65 -7.20
C SER A 182 -29.35 -9.28 -6.72
N PHE A 183 -28.75 -8.80 -5.63
CA PHE A 183 -29.09 -7.51 -5.02
C PHE A 183 -28.80 -6.32 -5.94
N ALA A 184 -27.96 -6.53 -6.94
CA ALA A 184 -27.60 -5.48 -7.87
C ALA A 184 -28.84 -5.00 -8.63
N THR A 185 -28.71 -3.91 -9.37
CA THR A 185 -29.82 -3.37 -10.14
C THR A 185 -29.38 -2.19 -11.02
N GLY A 186 -29.73 -2.25 -12.31
CA GLY A 186 -29.36 -1.20 -13.25
C GLY A 186 -29.74 0.20 -12.77
N ASP A 187 -29.03 1.22 -13.24
CA ASP A 187 -29.29 2.61 -12.83
C ASP A 187 -28.74 3.62 -13.85
N ALA A 188 -29.23 4.86 -13.79
CA ALA A 188 -28.77 5.91 -14.71
C ALA A 188 -27.31 6.29 -14.47
N VAL A 189 -26.94 6.37 -13.19
CA VAL A 189 -25.58 6.72 -12.81
C VAL A 189 -24.62 5.60 -13.17
N SER A 190 -25.00 4.37 -12.84
CA SER A 190 -24.19 3.19 -13.13
C SER A 190 -23.85 3.13 -14.62
N LEU A 191 -24.85 3.32 -15.47
CA LEU A 191 -24.63 3.31 -16.91
C LEU A 191 -23.59 4.35 -17.30
N ALA A 192 -23.76 5.56 -16.77
CA ALA A 192 -22.85 6.65 -17.07
C ALA A 192 -21.43 6.26 -16.70
N ILE A 193 -21.23 5.80 -15.46
CA ILE A 193 -19.91 5.39 -15.01
C ILE A 193 -19.40 4.23 -15.86
N GLY A 194 -20.29 3.31 -16.21
CA GLY A 194 -19.89 2.18 -17.01
C GLY A 194 -19.31 2.62 -18.33
N GLN A 195 -19.93 3.62 -18.94
CA GLN A 195 -19.48 4.14 -20.22
C GLN A 195 -18.12 4.79 -20.12
N HIS A 196 -17.93 5.61 -19.09
CA HIS A 196 -16.64 6.28 -18.92
C HIS A 196 -15.51 5.28 -18.74
N VAL A 197 -15.71 4.30 -17.85
CA VAL A 197 -14.68 3.30 -17.59
C VAL A 197 -14.38 2.51 -18.86
N ALA A 198 -15.44 2.15 -19.57
CA ALA A 198 -15.32 1.38 -20.80
C ALA A 198 -14.32 2.01 -21.78
N GLU A 199 -14.27 3.33 -21.83
CA GLU A 199 -13.34 4.01 -22.73
C GLU A 199 -11.88 3.86 -22.33
N LEU A 200 -11.63 3.50 -21.08
CA LEU A 200 -10.26 3.31 -20.61
C LEU A 200 -9.79 1.90 -20.90
N VAL A 201 -10.72 0.98 -21.14
CA VAL A 201 -10.38 -0.41 -21.40
C VAL A 201 -9.92 -0.67 -22.84
N ARG A 202 -8.71 -1.19 -22.97
CA ARG A 202 -8.14 -1.50 -24.29
C ARG A 202 -8.25 -2.99 -24.55
N ASP A 203 -8.20 -3.37 -25.82
CA ASP A 203 -8.28 -4.78 -26.17
C ASP A 203 -7.11 -5.50 -25.53
N GLY A 204 -7.32 -6.78 -25.23
CA GLY A 204 -6.27 -7.59 -24.63
C GLY A 204 -5.99 -7.29 -23.16
N ASP A 205 -6.80 -6.41 -22.58
CA ASP A 205 -6.66 -6.06 -21.17
C ASP A 205 -7.01 -7.20 -20.25
N CYS A 206 -6.29 -7.29 -19.14
CA CYS A 206 -6.52 -8.35 -18.15
C CYS A 206 -7.37 -7.79 -17.01
N LEU A 207 -8.68 -8.00 -17.10
CA LEU A 207 -9.64 -7.47 -16.14
C LEU A 207 -9.65 -7.98 -14.71
N GLN A 208 -10.09 -7.09 -13.83
CA GLN A 208 -10.25 -7.35 -12.41
C GLN A 208 -11.36 -6.41 -11.93
N GLY A 210 -15.34 -6.13 -9.32
CA GLY A 210 -16.20 -6.60 -8.24
C GLY A 210 -17.64 -6.78 -8.73
N ILE A 211 -18.57 -6.98 -7.80
CA ILE A 211 -19.99 -7.17 -8.12
C ILE A 211 -20.77 -5.89 -7.89
N GLY A 212 -21.85 -5.74 -8.66
CA GLY A 212 -22.68 -4.56 -8.54
C GLY A 212 -23.13 -4.01 -9.86
N ALA A 213 -23.91 -2.93 -9.79
CA ALA A 213 -24.45 -2.27 -10.97
C ALA A 213 -23.35 -1.64 -11.81
N ILE A 214 -22.38 -0.99 -11.17
CA ILE A 214 -21.29 -0.37 -11.89
C ILE A 214 -20.53 -1.39 -12.74
N PRO A 215 -19.99 -2.43 -12.09
CA PRO A 215 -19.26 -3.47 -12.83
C PRO A 215 -20.07 -4.00 -14.01
N ASP A 216 -21.35 -4.31 -13.78
CA ASP A 216 -22.19 -4.84 -14.85
C ASP A 216 -22.30 -3.86 -16.01
N ALA A 217 -22.58 -2.60 -15.69
CA ALA A 217 -22.71 -1.58 -16.71
C ALA A 217 -21.41 -1.52 -17.51
N VAL A 218 -20.28 -1.68 -16.84
CA VAL A 218 -18.99 -1.66 -17.49
C VAL A 218 -18.85 -2.85 -18.44
N LEU A 219 -19.21 -4.02 -17.94
CA LEU A 219 -19.13 -5.24 -18.73
C LEU A 219 -20.04 -5.18 -19.94
N SER A 220 -21.18 -4.54 -19.79
CA SER A 220 -22.10 -4.43 -20.91
C SER A 220 -21.54 -3.54 -22.02
N CYS A 221 -20.55 -2.71 -21.69
CA CYS A 221 -19.95 -1.82 -22.68
C CYS A 221 -18.67 -2.41 -23.26
N LEU A 222 -18.35 -3.65 -22.90
CA LEU A 222 -17.13 -4.29 -23.39
C LEU A 222 -17.43 -5.34 -24.44
N THR A 223 -18.71 -5.47 -24.80
CA THR A 223 -19.12 -6.47 -25.78
C THR A 223 -18.51 -6.22 -27.15
N GLY A 224 -17.72 -5.15 -27.26
CA GLY A 224 -17.08 -4.83 -28.51
C GLY A 224 -15.58 -5.10 -28.49
N HIS A 225 -15.02 -5.30 -27.30
CA HIS A 225 -13.59 -5.58 -27.19
C HIS A 225 -13.29 -7.02 -27.55
N LYS A 226 -12.02 -7.41 -27.42
CA LYS A 226 -11.60 -8.77 -27.73
C LYS A 226 -10.28 -9.15 -27.08
N ASP A 227 -10.10 -10.44 -26.89
CA ASP A 227 -8.89 -11.00 -26.28
C ASP A 227 -8.69 -10.50 -24.86
N LEU A 228 -9.79 -10.23 -24.18
CA LEU A 228 -9.72 -9.76 -22.81
C LEU A 228 -9.41 -10.93 -21.88
N GLY A 229 -8.65 -10.65 -20.83
CA GLY A 229 -8.30 -11.68 -19.89
C GLY A 229 -8.98 -11.45 -18.56
N VAL A 230 -8.86 -12.42 -17.65
CA VAL A 230 -9.47 -12.30 -16.34
C VAL A 230 -8.58 -12.84 -15.22
N HIS A 231 -8.25 -11.98 -14.26
CA HIS A 231 -7.44 -12.33 -13.09
C HIS A 231 -8.01 -11.41 -12.01
N THR A 232 -9.02 -11.90 -11.31
CA THR A 232 -9.70 -11.07 -10.34
C THR A 232 -9.95 -11.75 -9.00
N GLU A 233 -10.35 -10.94 -8.04
CA GLU A 233 -10.68 -11.44 -6.71
C GLU A 233 -11.94 -12.29 -6.74
N LEU A 234 -12.84 -11.91 -7.67
CA LEU A 234 -14.09 -12.65 -7.84
C LEU A 234 -14.76 -12.20 -9.14
N PHE A 235 -15.77 -12.94 -9.57
CA PHE A 235 -16.49 -12.55 -10.78
C PHE A 235 -17.94 -13.03 -10.71
N SER A 236 -18.81 -12.43 -11.50
CA SER A 236 -20.20 -12.83 -11.50
C SER A 236 -20.70 -13.02 -12.90
N ASP A 237 -22.02 -13.03 -13.04
CA ASP A 237 -22.69 -13.23 -14.31
C ASP A 237 -22.20 -12.28 -15.39
N GLY A 238 -21.80 -11.09 -14.98
CA GLY A 238 -21.31 -10.12 -15.94
C GLY A 238 -20.21 -10.69 -16.82
N ILE A 239 -19.27 -11.37 -16.19
CA ILE A 239 -18.16 -11.94 -16.94
C ILE A 239 -18.63 -13.09 -17.83
N LEU A 240 -19.44 -13.96 -17.26
CA LEU A 240 -19.96 -15.11 -17.97
C LEU A 240 -20.51 -14.71 -19.35
N GLN A 241 -21.21 -13.59 -19.41
CA GLN A 241 -21.79 -13.12 -20.67
C GLN A 241 -20.75 -12.76 -21.74
N LEU A 242 -19.65 -12.17 -21.31
CA LEU A 242 -18.58 -11.78 -22.23
C LEU A 242 -17.80 -12.99 -22.68
N VAL A 243 -17.82 -14.03 -21.86
CA VAL A 243 -17.12 -15.25 -22.21
C VAL A 243 -17.84 -15.93 -23.36
N GLU A 244 -19.16 -16.04 -23.23
CA GLU A 244 -19.94 -16.70 -24.29
C GLU A 244 -19.97 -15.88 -25.56
N LYS A 245 -19.52 -14.63 -25.44
CA LYS A 245 -19.46 -13.72 -26.59
C LYS A 245 -18.08 -13.79 -27.25
N GLY A 246 -17.15 -14.53 -26.65
CA GLY A 246 -15.82 -14.66 -27.21
C GLY A 246 -14.93 -13.46 -26.90
N VAL A 247 -15.50 -12.45 -26.26
CA VAL A 247 -14.74 -11.24 -25.90
C VAL A 247 -13.60 -11.54 -24.94
N ILE A 248 -13.83 -12.53 -24.08
CA ILE A 248 -12.82 -12.96 -23.10
C ILE A 248 -12.27 -14.33 -23.50
N ASN A 249 -10.94 -14.43 -23.58
CA ASN A 249 -10.29 -15.69 -23.95
C ASN A 249 -8.95 -15.89 -23.25
N ASN A 250 -8.58 -14.93 -22.40
CA ASN A 250 -7.34 -15.05 -21.64
C ASN A 250 -6.12 -15.39 -22.49
N THR A 251 -6.17 -15.02 -23.75
CA THR A 251 -5.08 -15.29 -24.67
C THR A 251 -3.86 -14.40 -24.43
N LYS A 252 -4.07 -13.20 -23.90
CA LYS A 252 -2.96 -12.27 -23.68
C LYS A 252 -2.34 -12.26 -22.30
N LYS A 253 -2.74 -13.21 -21.45
CA LYS A 253 -2.20 -13.30 -20.10
C LYS A 253 -0.90 -14.12 -20.13
N ARG A 254 -0.05 -13.91 -19.12
CA ARG A 254 1.21 -14.68 -19.05
C ARG A 254 1.14 -15.63 -17.88
N PHE A 255 0.27 -15.33 -16.91
CA PHE A 255 0.12 -16.18 -15.75
C PHE A 255 -1.20 -16.91 -15.89
N TYR A 256 -1.10 -18.21 -16.17
CA TYR A 256 -2.27 -19.06 -16.38
C TYR A 256 -3.07 -18.57 -17.58
N PRO A 257 -2.45 -18.54 -18.76
CA PRO A 257 -3.15 -18.09 -19.98
C PRO A 257 -4.23 -19.08 -20.42
N GLY A 258 -5.26 -18.56 -21.09
CA GLY A 258 -6.34 -19.42 -21.55
C GLY A 258 -7.36 -19.75 -20.48
N LYS A 259 -7.05 -19.42 -19.22
CA LYS A 259 -7.97 -19.71 -18.11
C LYS A 259 -8.36 -18.49 -17.27
N LEU A 260 -9.55 -18.53 -16.70
CA LEU A 260 -10.01 -17.44 -15.83
C LEU A 260 -9.49 -17.78 -14.44
N VAL A 261 -9.05 -16.76 -13.70
CA VAL A 261 -8.54 -16.98 -12.35
C VAL A 261 -9.27 -16.05 -11.35
N THR A 262 -9.61 -16.58 -10.18
CA THR A 262 -10.26 -15.81 -9.12
C THR A 262 -10.12 -16.53 -7.79
N GLY A 263 -10.50 -15.82 -6.72
CA GLY A 263 -10.44 -16.38 -5.40
C GLY A 263 -11.79 -16.98 -5.06
N PHE A 264 -12.84 -16.44 -5.67
CA PHE A 264 -14.21 -16.91 -5.47
C PHE A 264 -15.21 -16.38 -6.51
N ALA A 265 -16.43 -16.89 -6.45
CA ALA A 265 -17.48 -16.50 -7.38
C ALA A 265 -18.82 -16.29 -6.64
N LEU A 266 -19.68 -15.49 -7.25
CA LEU A 266 -20.99 -15.19 -6.65
C LEU A 266 -21.95 -14.74 -7.75
N GLY A 267 -23.10 -15.39 -7.86
CA GLY A 267 -24.06 -15.02 -8.89
C GLY A 267 -25.19 -16.02 -9.04
N SER A 268 -25.80 -16.07 -10.21
CA SER A 268 -26.92 -17.00 -10.42
C SER A 268 -26.50 -18.47 -10.58
N GLN A 269 -27.48 -19.36 -10.68
CA GLN A 269 -27.20 -20.78 -10.83
C GLN A 269 -26.48 -21.08 -12.14
N LYS A 270 -26.68 -20.23 -13.13
CA LYS A 270 -26.03 -20.40 -14.43
C LYS A 270 -24.52 -20.26 -14.25
N LEU A 271 -24.12 -19.33 -13.39
CA LEU A 271 -22.71 -19.11 -13.14
C LEU A 271 -22.12 -20.32 -12.44
N TYR A 272 -22.78 -20.77 -11.37
CA TYR A 272 -22.28 -21.91 -10.61
C TYR A 272 -22.23 -23.14 -11.50
N ASP A 273 -23.03 -23.10 -12.55
CA ASP A 273 -23.11 -24.21 -13.48
C ASP A 273 -21.95 -24.18 -14.43
N TYR A 274 -21.52 -22.95 -14.73
CA TYR A 274 -20.43 -22.73 -15.65
C TYR A 274 -19.11 -23.06 -14.96
N VAL A 275 -18.96 -22.66 -13.71
CA VAL A 275 -17.71 -22.93 -13.02
C VAL A 275 -17.62 -24.38 -12.59
N ASP A 276 -18.76 -25.03 -12.46
CA ASP A 276 -18.78 -26.42 -12.02
C ASP A 276 -17.92 -27.37 -12.84
N ASP A 277 -16.83 -27.82 -12.23
CA ASP A 277 -15.92 -28.77 -12.87
C ASP A 277 -15.47 -28.27 -14.24
N ASN A 278 -15.22 -26.97 -14.35
CA ASN A 278 -14.79 -26.34 -15.61
C ASN A 278 -13.28 -26.10 -15.65
N PRO A 279 -12.55 -26.89 -16.45
CA PRO A 279 -11.09 -26.78 -16.59
C PRO A 279 -10.62 -25.37 -16.93
N ALA A 280 -11.47 -24.59 -17.57
CA ALA A 280 -11.09 -23.24 -17.96
C ALA A 280 -11.19 -22.21 -16.83
N VAL A 281 -11.86 -22.57 -15.73
CA VAL A 281 -12.00 -21.66 -14.60
C VAL A 281 -11.21 -22.15 -13.39
N ILE A 282 -10.25 -21.34 -12.96
CA ILE A 282 -9.42 -21.71 -11.84
C ILE A 282 -9.60 -20.81 -10.61
N PHE A 283 -10.06 -21.44 -9.53
CA PHE A 283 -10.26 -20.77 -8.27
C PHE A 283 -8.96 -20.98 -7.53
N ASP A 285 -6.01 -19.65 -4.51
CA ASP A 285 -5.87 -19.13 -3.14
C ASP A 285 -5.57 -17.64 -3.15
N ILE A 286 -6.33 -16.85 -2.40
CA ILE A 286 -6.13 -15.40 -2.36
C ILE A 286 -4.69 -14.99 -2.08
N GLU A 287 -3.93 -15.83 -1.39
CA GLU A 287 -2.55 -15.48 -1.10
C GLU A 287 -1.77 -15.32 -2.40
N GLN A 288 -2.27 -15.94 -3.47
CA GLN A 288 -1.64 -15.85 -4.79
C GLN A 288 -2.39 -14.91 -5.74
N VAL A 289 -3.69 -15.15 -5.91
CA VAL A 289 -4.48 -14.31 -6.79
C VAL A 289 -4.41 -12.84 -6.44
N ASN A 290 -4.31 -12.53 -5.14
CA ASN A 290 -4.23 -11.16 -4.67
C ASN A 290 -2.80 -10.74 -4.31
N ASP A 291 -1.83 -11.42 -4.90
CA ASP A 291 -0.42 -11.12 -4.66
C ASP A 291 0.07 -10.19 -5.78
N THR A 292 0.40 -8.94 -5.41
CA THR A 292 0.86 -7.96 -6.38
C THR A 292 2.01 -8.49 -7.22
N SER A 293 2.83 -9.34 -6.62
CA SER A 293 3.95 -9.92 -7.32
C SER A 293 3.48 -10.80 -8.48
N ILE A 294 2.29 -11.38 -8.34
CA ILE A 294 1.74 -12.24 -9.40
C ILE A 294 0.90 -11.44 -10.39
N ILE A 295 0.07 -10.54 -9.86
CA ILE A 295 -0.80 -9.72 -10.70
C ILE A 295 -0.03 -8.93 -11.77
N ARG A 296 1.10 -8.36 -11.38
CA ARG A 296 1.97 -7.58 -12.27
C ARG A 296 2.53 -8.43 -13.42
N LYS A 297 2.46 -9.76 -13.30
CA LYS A 297 2.99 -10.63 -14.36
C LYS A 297 2.18 -10.55 -15.66
N ASN A 298 0.92 -10.15 -15.55
CA ASN A 298 0.08 -10.01 -16.73
C ASN A 298 0.10 -8.59 -17.24
N PRO A 299 0.38 -8.41 -18.54
CA PRO A 299 0.42 -7.08 -19.16
C PRO A 299 -0.95 -6.46 -19.34
N ASN A 300 -1.00 -5.13 -19.32
CA ASN A 300 -2.25 -4.42 -19.51
C ASN A 300 -3.35 -4.76 -18.50
N VAL A 301 -2.97 -4.94 -17.25
CA VAL A 301 -3.95 -5.22 -16.21
C VAL A 301 -4.90 -4.01 -16.10
N ALA A 303 -7.60 -2.79 -13.45
CA ALA A 303 -8.19 -2.97 -12.15
C ALA A 303 -9.29 -1.94 -11.89
N ILE A 304 -10.50 -2.42 -11.75
CA ILE A 304 -11.64 -1.55 -11.52
C ILE A 304 -12.31 -1.85 -10.18
N ASN A 305 -12.21 -0.91 -9.26
CA ASN A 305 -12.80 -1.09 -7.94
C ASN A 305 -13.68 0.10 -7.57
N SER A 306 -14.27 0.05 -6.38
CA SER A 306 -15.14 1.14 -5.95
C SER A 306 -14.68 1.72 -4.62
N ALA A 307 -15.38 2.75 -4.17
CA ALA A 307 -15.04 3.40 -2.92
C ALA A 307 -16.25 4.10 -2.28
N LEU A 308 -16.12 4.43 -1.00
CA LEU A 308 -17.17 5.09 -0.27
C LEU A 308 -16.96 6.60 -0.25
N GLN A 309 -15.74 7.04 0.02
CA GLN A 309 -15.44 8.46 0.09
C GLN A 309 -14.02 8.77 -0.39
N VAL A 310 -13.88 9.84 -1.16
CA VAL A 310 -12.59 10.27 -1.69
C VAL A 310 -12.37 11.77 -1.43
N ASP A 311 -11.18 12.13 -0.95
CA ASP A 311 -10.91 13.54 -0.68
C ASP A 311 -10.31 14.25 -1.89
N LEU A 312 -10.31 15.58 -1.87
CA LEU A 312 -9.79 16.34 -3.00
C LEU A 312 -8.35 16.04 -3.32
N THR A 313 -7.72 15.18 -2.53
CA THR A 313 -6.32 14.91 -2.76
C THR A 313 -6.10 13.55 -3.40
N GLY A 314 -7.11 12.70 -3.31
CA GLY A 314 -7.00 11.38 -3.87
C GLY A 314 -6.96 10.29 -2.81
N GLN A 315 -7.10 10.63 -1.52
CA GLN A 315 -7.08 9.56 -0.50
C GLN A 315 -8.42 8.82 -0.59
N VAL A 316 -8.35 7.52 -0.75
CA VAL A 316 -9.52 6.66 -0.91
C VAL A 316 -9.92 5.88 0.33
N CYS A 317 -11.19 6.02 0.69
CA CYS A 317 -11.78 5.32 1.84
C CYS A 317 -12.81 4.37 1.29
N ALA A 318 -12.68 3.09 1.59
CA ALA A 318 -13.61 2.10 1.05
C ALA A 318 -14.04 0.99 1.99
N ASP A 319 -13.63 1.09 3.26
CA ASP A 319 -13.99 0.05 4.25
C ASP A 319 -14.91 0.59 5.35
N SER A 320 -15.19 1.89 5.34
CA SER A 320 -16.03 2.45 6.39
C SER A 320 -16.55 3.86 6.09
N ILE A 321 -17.41 4.35 6.97
CA ILE A 321 -17.98 5.70 6.85
C ILE A 321 -17.67 6.39 8.18
N GLY A 322 -16.52 7.06 8.24
CA GLY A 322 -16.10 7.71 9.44
C GLY A 322 -15.45 6.67 10.32
N THR A 323 -16.00 6.47 11.51
CA THR A 323 -15.48 5.49 12.46
C THR A 323 -16.30 4.21 12.45
N LYS A 324 -17.41 4.20 11.70
CA LYS A 324 -18.25 3.02 11.62
C LYS A 324 -17.82 2.14 10.47
N ILE A 325 -17.37 0.93 10.80
CA ILE A 325 -16.91 -0.02 9.80
C ILE A 325 -18.05 -0.53 8.94
N TYR A 326 -17.89 -0.41 7.62
CA TYR A 326 -18.91 -0.88 6.69
C TYR A 326 -18.51 -2.24 6.10
N SER A 327 -17.27 -2.35 5.62
CA SER A 327 -16.84 -3.60 5.02
C SER A 327 -15.43 -4.02 5.40
N GLY A 328 -14.47 -3.76 4.53
CA GLY A 328 -13.10 -4.15 4.83
C GLY A 328 -12.08 -3.74 3.79
N VAL A 329 -10.81 -3.95 4.12
CA VAL A 329 -9.70 -3.62 3.23
C VAL A 329 -9.77 -4.43 1.95
N GLY A 330 -10.00 -5.73 2.11
CA GLY A 330 -10.08 -6.62 0.96
C GLY A 330 -8.81 -6.70 0.14
N GLY A 331 -8.89 -6.37 -1.13
CA GLY A 331 -7.71 -6.45 -1.96
C GLY A 331 -7.70 -5.48 -3.11
N GLN A 332 -8.37 -4.35 -2.97
CA GLN A 332 -8.40 -3.38 -4.05
C GLN A 332 -7.04 -2.68 -4.16
N ASP A 334 -3.92 -3.94 -3.44
CA ASP A 334 -2.97 -4.84 -4.08
C ASP A 334 -3.19 -4.85 -5.60
N PHE A 335 -4.46 -4.85 -6.01
CA PHE A 335 -4.79 -4.86 -7.44
C PHE A 335 -4.48 -3.54 -8.12
N ILE A 336 -4.61 -2.45 -7.37
CA ILE A 336 -4.34 -1.12 -7.89
C ILE A 336 -2.83 -0.90 -8.04
N ARG A 337 -2.06 -1.49 -7.14
CA ARG A 337 -0.61 -1.37 -7.21
C ARG A 337 -0.07 -2.28 -8.32
N GLY A 338 -0.52 -3.53 -8.31
CA GLY A 338 -0.10 -4.51 -9.30
C GLY A 338 -0.44 -3.99 -10.67
N ALA A 339 -1.57 -3.30 -10.77
CA ALA A 339 -2.00 -2.74 -12.02
C ALA A 339 -1.01 -1.65 -12.46
N GLY A 340 -0.45 -0.90 -11.52
CA GLY A 340 0.51 0.14 -11.86
C GLY A 340 1.86 -0.44 -12.27
N LEU A 341 2.21 -1.57 -11.67
CA LEU A 341 3.45 -2.26 -11.94
C LEU A 341 3.38 -3.02 -13.27
N SER A 342 2.18 -3.44 -13.65
CA SER A 342 1.96 -4.18 -14.91
C SER A 342 2.24 -3.32 -16.14
N GLU A 343 2.74 -3.94 -17.20
CA GLU A 343 3.04 -3.21 -18.42
C GLU A 343 1.80 -2.64 -19.08
N GLY A 344 1.68 -1.32 -19.05
CA GLY A 344 0.55 -0.66 -19.64
C GLY A 344 -0.71 -0.87 -18.81
N GLY A 345 -0.53 -1.23 -17.55
CA GLY A 345 -1.66 -1.44 -16.69
C GLY A 345 -2.31 -0.15 -16.22
N ARG A 346 -3.60 -0.21 -15.92
CA ARG A 346 -4.33 0.95 -15.44
C ARG A 346 -5.30 0.51 -14.37
N SER A 347 -5.57 1.40 -13.42
CA SER A 347 -6.51 1.08 -12.36
C SER A 347 -7.55 2.20 -12.38
N VAL A 348 -8.70 1.93 -11.78
CA VAL A 348 -9.75 2.90 -11.74
C VAL A 348 -10.64 2.69 -10.54
N ILE A 349 -10.91 3.79 -9.83
CA ILE A 349 -11.78 3.77 -8.68
C ILE A 349 -13.06 4.41 -9.17
N ALA A 350 -14.11 3.59 -9.31
CA ALA A 350 -15.42 4.02 -9.80
C ALA A 350 -16.45 4.11 -8.69
N LEU A 351 -17.10 5.26 -8.59
CA LEU A 351 -18.13 5.43 -7.57
C LEU A 351 -19.09 6.54 -7.94
N PRO A 352 -20.32 6.49 -7.42
CA PRO A 352 -21.31 7.53 -7.71
C PRO A 352 -20.85 8.87 -7.14
N SER A 353 -21.09 9.98 -7.83
CA SER A 353 -20.65 11.26 -7.29
C SER A 353 -21.30 11.55 -5.94
N THR A 354 -22.48 11.00 -5.68
CA THR A 354 -23.14 11.24 -4.40
C THR A 354 -23.63 9.99 -3.70
N ALA A 355 -24.32 10.19 -2.58
CA ALA A 355 -24.87 9.08 -1.83
C ALA A 355 -25.99 9.58 -0.93
N ALA A 356 -26.58 8.67 -0.17
CA ALA A 356 -27.64 9.05 0.74
C ALA A 356 -28.77 9.79 0.03
N GLY A 357 -29.02 9.42 -1.21
CA GLY A 357 -30.09 10.08 -1.94
C GLY A 357 -29.59 11.25 -2.75
N GLY A 358 -28.32 11.59 -2.59
CA GLY A 358 -27.76 12.71 -3.34
C GLY A 358 -27.49 13.90 -2.46
N ARG A 359 -27.56 13.71 -1.14
CA ARG A 359 -27.30 14.82 -0.23
C ARG A 359 -25.86 14.77 0.27
N ILE A 360 -25.21 13.63 0.10
CA ILE A 360 -23.83 13.50 0.54
C ILE A 360 -22.92 13.29 -0.67
N SER A 361 -21.87 14.10 -0.74
CA SER A 361 -20.90 14.01 -1.83
C SER A 361 -19.84 12.97 -1.47
N ARG A 362 -19.65 11.99 -2.35
CA ARG A 362 -18.64 10.96 -2.09
C ARG A 362 -17.24 11.58 -2.21
N ILE A 363 -17.17 12.66 -2.97
CA ILE A 363 -15.93 13.38 -3.14
C ILE A 363 -16.01 14.55 -2.18
N ALA A 364 -15.42 14.37 -1.01
CA ALA A 364 -15.42 15.39 0.03
C ALA A 364 -14.09 16.12 0.03
N SER A 365 -14.09 17.34 0.54
CA SER A 365 -12.86 18.11 0.59
C SER A 365 -11.86 17.37 1.48
N VAL A 366 -12.36 16.71 2.51
CA VAL A 366 -11.49 15.96 3.39
C VAL A 366 -12.23 14.75 3.91
N LEU A 367 -11.49 13.69 4.20
CA LEU A 367 -12.10 12.47 4.70
C LEU A 367 -12.69 12.69 6.09
N SER A 368 -13.82 12.06 6.36
CA SER A 368 -14.49 12.17 7.66
C SER A 368 -13.56 11.73 8.78
N PRO A 369 -13.65 12.38 9.94
CA PRO A 369 -12.80 12.01 11.07
C PRO A 369 -12.75 10.51 11.33
N GLY A 370 -11.56 9.94 11.22
CA GLY A 370 -11.41 8.52 11.48
C GLY A 370 -11.67 7.61 10.30
N ALA A 371 -11.93 8.20 9.13
CA ALA A 371 -12.21 7.42 7.94
C ALA A 371 -11.06 6.45 7.66
N GLY A 372 -11.41 5.19 7.37
CA GLY A 372 -10.39 4.21 7.09
C GLY A 372 -9.83 4.35 5.69
N VAL A 373 -8.55 4.71 5.59
CA VAL A 373 -7.95 4.84 4.28
C VAL A 373 -7.54 3.45 3.80
N VAL A 374 -8.08 3.01 2.66
CA VAL A 374 -7.72 1.69 2.13
C VAL A 374 -6.66 1.85 1.05
N THR A 375 -6.85 2.84 0.18
CA THR A 375 -5.92 3.13 -0.90
C THR A 375 -5.45 4.56 -0.71
N THR A 376 -4.13 4.76 -0.74
CA THR A 376 -3.53 6.05 -0.50
C THR A 376 -3.37 6.92 -1.74
N ARG A 377 -3.04 8.19 -1.51
CA ARG A 377 -2.79 9.16 -2.58
C ARG A 377 -1.89 8.57 -3.66
N ALA A 378 -0.70 8.16 -3.23
CA ALA A 378 0.32 7.62 -4.13
C ALA A 378 -0.14 6.45 -4.99
N HIS A 379 -1.14 5.73 -4.51
CA HIS A 379 -1.70 4.57 -5.22
C HIS A 379 -2.60 4.93 -6.39
N VAL A 380 -3.51 5.85 -6.16
CA VAL A 380 -4.48 6.21 -7.17
C VAL A 380 -3.99 6.54 -8.58
N HIS A 381 -4.75 6.08 -9.55
CA HIS A 381 -4.43 6.34 -10.94
C HIS A 381 -5.64 7.06 -11.50
N TYR A 382 -6.74 6.34 -11.71
CA TYR A 382 -7.96 6.95 -12.23
C TYR A 382 -9.09 6.91 -11.22
N ILE A 383 -9.97 7.89 -11.32
CA ILE A 383 -11.15 7.97 -10.47
C ILE A 383 -12.26 8.39 -11.42
N VAL A 384 -13.31 7.59 -11.53
CA VAL A 384 -14.42 7.91 -12.43
C VAL A 384 -15.74 8.06 -11.70
N THR A 385 -16.58 8.91 -12.27
CA THR A 385 -17.89 9.20 -11.73
C THR A 385 -18.80 9.36 -12.93
N GLU A 386 -20.10 9.48 -12.68
CA GLU A 386 -21.06 9.66 -13.76
C GLU A 386 -20.74 10.93 -14.55
N TYR A 387 -19.85 11.76 -14.02
CA TYR A 387 -19.50 13.01 -14.69
C TYR A 387 -18.14 13.00 -15.38
N GLY A 388 -17.51 11.84 -15.48
CA GLY A 388 -16.21 11.77 -16.14
C GLY A 388 -15.12 11.09 -15.33
N ALA A 389 -13.89 11.18 -15.83
CA ALA A 389 -12.75 10.57 -15.18
C ALA A 389 -11.68 11.60 -14.82
N ALA A 390 -10.92 11.31 -13.76
CA ALA A 390 -9.85 12.19 -13.33
C ALA A 390 -8.58 11.36 -13.14
N ASN A 391 -7.51 11.76 -13.81
CA ASN A 391 -6.24 11.06 -13.74
C ASN A 391 -5.37 11.78 -12.71
N LEU A 392 -5.04 11.11 -11.62
CA LEU A 392 -4.23 11.73 -10.58
C LEU A 392 -2.76 11.32 -10.62
N LYS A 393 -2.47 10.29 -11.42
CA LYS A 393 -1.11 9.78 -11.56
C LYS A 393 -0.10 10.86 -11.88
N GLY A 394 0.82 11.10 -10.96
CA GLY A 394 1.83 12.12 -11.17
C GLY A 394 1.32 13.55 -11.04
N ARG A 395 0.03 13.74 -10.76
CA ARG A 395 -0.50 15.09 -10.63
C ARG A 395 -0.30 15.69 -9.24
N SER A 396 -0.05 17.00 -9.18
CA SER A 396 0.13 17.66 -7.89
C SER A 396 -1.17 17.75 -7.12
N LEU A 397 -1.13 18.29 -5.90
CA LEU A 397 -2.34 18.40 -5.11
C LEU A 397 -3.35 19.34 -5.75
N ARG A 398 -2.90 20.46 -6.30
CA ARG A 398 -3.86 21.37 -6.90
C ARG A 398 -4.44 20.77 -8.20
N GLU A 399 -3.62 20.01 -8.92
CA GLU A 399 -4.07 19.39 -10.16
C GLU A 399 -5.11 18.30 -9.85
N ARG A 400 -4.86 17.54 -8.80
CA ARG A 400 -5.74 16.48 -8.36
C ARG A 400 -7.08 17.04 -7.90
N ALA A 401 -7.03 18.04 -7.03
CA ALA A 401 -8.24 18.66 -6.53
C ALA A 401 -9.05 19.24 -7.68
N GLN A 402 -8.37 19.89 -8.62
CA GLN A 402 -9.08 20.47 -9.75
C GLN A 402 -9.82 19.37 -10.52
N ALA A 403 -9.10 18.31 -10.90
CA ALA A 403 -9.71 17.22 -11.67
C ALA A 403 -10.85 16.53 -10.92
N LEU A 404 -10.68 16.36 -9.62
CA LEU A 404 -11.71 15.72 -8.83
C LEU A 404 -12.99 16.53 -8.77
N ILE A 405 -12.89 17.83 -8.52
CA ILE A 405 -14.10 18.64 -8.45
C ILE A 405 -14.81 18.68 -9.81
N ASN A 406 -14.11 18.32 -10.88
CA ASN A 406 -14.73 18.33 -12.20
C ASN A 406 -15.62 17.11 -12.45
N ILE A 407 -15.47 16.07 -11.63
CA ILE A 407 -16.31 14.88 -11.79
C ILE A 407 -17.24 14.75 -10.58
N ALA A 408 -17.14 15.71 -9.67
CA ALA A 408 -18.01 15.70 -8.50
C ALA A 408 -19.37 16.26 -8.92
N HIS A 409 -20.43 15.87 -8.21
CA HIS A 409 -21.75 16.37 -8.57
C HIS A 409 -21.74 17.90 -8.51
N PRO A 410 -22.26 18.56 -9.56
CA PRO A 410 -22.29 20.02 -9.61
C PRO A 410 -22.89 20.73 -8.38
N ASP A 411 -23.73 20.03 -7.60
CA ASP A 411 -24.30 20.67 -6.43
C ASP A 411 -23.25 20.87 -5.33
N PHE A 412 -22.06 20.30 -5.50
CA PHE A 412 -21.03 20.46 -4.49
C PHE A 412 -19.74 21.11 -5.00
N ARG A 413 -19.68 21.40 -6.30
CA ARG A 413 -18.51 22.01 -6.91
C ARG A 413 -18.06 23.25 -6.15
N GLU A 414 -19.00 24.17 -5.92
CA GLU A 414 -18.75 25.43 -5.22
C GLU A 414 -18.08 25.18 -3.86
N GLN A 415 -18.69 24.34 -3.02
CA GLN A 415 -18.12 24.03 -1.71
C GLN A 415 -16.72 23.44 -1.86
N LEU A 416 -16.61 22.39 -2.67
CA LEU A 416 -15.33 21.72 -2.88
C LEU A 416 -14.28 22.71 -3.32
N SER A 417 -14.61 23.53 -4.31
CA SER A 417 -13.67 24.51 -4.77
C SER A 417 -13.23 25.46 -3.63
N ARG A 418 -14.17 25.86 -2.79
CA ARG A 418 -13.85 26.74 -1.66
C ARG A 418 -12.82 26.12 -0.71
N ASP A 419 -13.16 24.94 -0.19
CA ASP A 419 -12.28 24.24 0.74
C ASP A 419 -10.94 23.86 0.08
N ALA A 420 -10.86 23.99 -1.23
CA ALA A 420 -9.62 23.67 -1.95
C ALA A 420 -8.56 24.67 -1.56
N PHE A 421 -9.00 25.87 -1.25
CA PHE A 421 -8.09 26.93 -0.85
C PHE A 421 -8.14 27.17 0.64
N GLU A 422 -9.33 27.10 1.22
CA GLU A 422 -9.49 27.35 2.64
C GLU A 422 -9.00 26.22 3.53
N VAL A 423 -9.05 24.99 3.01
CA VAL A 423 -8.62 23.86 3.81
C VAL A 423 -7.25 23.35 3.43
N TRP A 424 -6.99 23.23 2.13
CA TRP A 424 -5.71 22.72 1.65
C TRP A 424 -4.73 23.85 1.30
N GLY A 425 -5.23 25.07 1.19
CA GLY A 425 -4.38 26.18 0.85
C GLY A 425 -3.88 26.08 -0.58
N LEU A 426 -4.72 25.54 -1.44
CA LEU A 426 -4.33 25.41 -2.83
C LEU A 426 -5.06 26.45 -3.65
N ASN A 427 -4.39 27.00 -4.65
CA ASN A 427 -5.06 27.97 -5.50
C ASN A 427 -5.04 27.44 -6.93
N LEU A 428 -6.24 27.09 -7.38
CA LEU A 428 -6.51 26.54 -8.71
C LEU A 428 -6.60 27.66 -9.75
N PRO B 2 31.29 14.54 -27.29
CA PRO B 2 30.86 15.82 -27.88
C PRO B 2 30.23 16.78 -26.86
N ALA B 3 30.63 16.66 -25.59
CA ALA B 3 30.11 17.53 -24.55
C ALA B 3 30.89 18.85 -24.55
N ILE B 4 30.21 19.93 -24.18
CA ILE B 4 30.83 21.24 -24.16
C ILE B 4 31.44 21.49 -22.79
N VAL B 5 32.75 21.69 -22.76
CA VAL B 5 33.47 21.93 -21.52
C VAL B 5 33.34 23.39 -21.08
N CYS B 6 32.32 23.68 -20.30
CA CYS B 6 32.11 25.06 -19.84
C CYS B 6 33.19 25.52 -18.88
N GLN B 7 33.43 26.83 -18.86
CA GLN B 7 34.43 27.39 -17.97
C GLN B 7 33.79 27.94 -16.70
N SER B 8 32.46 27.98 -16.67
CA SER B 8 31.76 28.46 -15.47
C SER B 8 30.40 27.78 -15.33
N ALA B 9 29.88 27.73 -14.11
CA ALA B 9 28.58 27.10 -13.87
C ALA B 9 27.49 27.78 -14.68
N LEU B 10 27.57 29.10 -14.78
CA LEU B 10 26.58 29.86 -15.52
C LEU B 10 26.61 29.47 -16.99
N GLU B 11 27.79 29.17 -17.51
CA GLU B 11 27.90 28.79 -18.90
C GLU B 11 27.19 27.45 -19.14
N ALA B 12 27.30 26.55 -18.16
CA ALA B 12 26.66 25.24 -18.25
C ALA B 12 25.15 25.37 -18.17
N VAL B 13 24.68 26.17 -17.23
CA VAL B 13 23.25 26.34 -17.05
C VAL B 13 22.59 27.09 -18.21
N SER B 14 23.36 27.89 -18.94
CA SER B 14 22.84 28.68 -20.05
C SER B 14 22.03 27.90 -21.07
N LEU B 15 22.41 26.65 -21.32
CA LEU B 15 21.70 25.84 -22.29
C LEU B 15 20.23 25.71 -21.89
N ILE B 16 19.93 25.76 -20.61
CA ILE B 16 18.54 25.66 -20.18
C ILE B 16 17.75 26.81 -20.80
N ARG B 17 16.64 26.48 -21.44
CA ARG B 17 15.77 27.46 -22.09
C ARG B 17 14.42 27.55 -21.38
N SER B 18 13.66 28.60 -21.66
CA SER B 18 12.36 28.80 -21.00
C SER B 18 11.32 27.69 -21.22
N GLY B 19 10.41 27.55 -20.27
CA GLY B 19 9.36 26.53 -20.36
C GLY B 19 9.78 25.09 -20.16
N GLU B 20 11.08 24.86 -19.97
CA GLU B 20 11.58 23.50 -19.80
C GLU B 20 11.25 22.86 -18.46
N THR B 21 11.15 21.53 -18.49
CA THR B 21 10.89 20.76 -17.28
C THR B 21 12.25 20.19 -16.94
N LEU B 22 12.72 20.52 -15.75
CA LEU B 22 14.02 20.07 -15.28
C LEU B 22 13.96 19.07 -14.15
N TRP B 23 15.03 18.30 -14.03
CA TRP B 23 15.17 17.32 -12.97
C TRP B 23 16.52 17.60 -12.34
N THR B 24 16.60 17.43 -11.03
CA THR B 24 17.84 17.66 -10.32
C THR B 24 18.25 16.46 -9.48
N HIS B 25 19.56 16.21 -9.47
CA HIS B 25 20.11 15.12 -8.66
C HIS B 25 19.60 15.48 -7.27
N SER B 26 19.19 14.50 -6.49
CA SER B 26 18.66 14.78 -5.16
C SER B 26 19.52 14.33 -3.98
N GLY B 28 22.19 14.10 -1.07
CA GLY B 28 23.55 14.59 -0.94
C GLY B 28 24.20 14.94 -2.26
N ALA B 29 23.56 14.59 -3.37
CA ALA B 29 24.14 14.87 -4.69
C ALA B 29 23.61 16.15 -5.32
N THR B 30 22.68 16.80 -4.65
CA THR B 30 22.10 18.04 -5.18
C THR B 30 23.20 18.91 -5.75
N PRO B 31 23.12 19.23 -7.04
CA PRO B 31 24.11 20.05 -7.75
C PRO B 31 24.07 21.52 -7.34
N LYS B 32 24.40 21.80 -6.09
CA LYS B 32 24.41 23.14 -5.58
C LYS B 32 25.16 24.13 -6.48
N VAL B 33 26.35 23.75 -6.92
CA VAL B 33 27.18 24.60 -7.77
C VAL B 33 26.41 25.03 -9.01
N LEU B 34 25.69 24.09 -9.60
CA LEU B 34 24.92 24.37 -10.80
C LEU B 34 23.59 25.05 -10.48
N LEU B 35 22.94 24.61 -9.40
CA LEU B 35 21.68 25.19 -9.03
C LEU B 35 21.83 26.65 -8.60
N ASP B 36 22.99 27.02 -8.06
CA ASP B 36 23.18 28.43 -7.68
C ASP B 36 23.30 29.27 -8.94
N ALA B 37 23.92 28.72 -9.98
CA ALA B 37 24.07 29.46 -11.22
C ALA B 37 22.69 29.60 -11.87
N LEU B 38 21.83 28.61 -11.65
CA LEU B 38 20.50 28.65 -12.22
C LEU B 38 19.65 29.66 -11.45
N ALA B 39 20.06 29.96 -10.23
CA ALA B 39 19.33 30.90 -9.39
C ALA B 39 19.35 32.26 -10.05
N LYS B 40 20.35 32.47 -10.93
CA LYS B 40 20.46 33.74 -11.64
C LYS B 40 20.00 33.63 -13.08
N HIS B 41 20.53 32.65 -13.82
CA HIS B 41 20.16 32.44 -15.22
C HIS B 41 18.65 32.33 -15.41
N ALA B 42 17.99 31.66 -14.48
CA ALA B 42 16.55 31.49 -14.56
C ALA B 42 15.81 32.82 -14.53
N LEU B 43 16.47 33.85 -13.99
CA LEU B 43 15.84 35.16 -13.89
C LEU B 43 15.49 35.72 -15.27
N THR B 44 16.15 35.20 -16.30
CA THR B 44 15.93 35.64 -17.68
C THR B 44 14.95 34.70 -18.39
N LEU B 45 14.55 33.64 -17.71
CA LEU B 45 13.63 32.67 -18.32
C LEU B 45 12.26 32.74 -17.64
N ASP B 46 11.41 31.78 -17.96
CA ASP B 46 10.10 31.72 -17.34
C ASP B 46 9.48 30.35 -17.62
N ASN B 47 8.43 30.04 -16.87
CA ASN B 47 7.73 28.77 -17.01
C ASN B 47 8.67 27.58 -16.84
N ILE B 48 9.63 27.72 -15.93
CA ILE B 48 10.58 26.64 -15.66
C ILE B 48 10.06 25.81 -14.50
N THR B 49 9.87 24.51 -14.74
CA THR B 49 9.41 23.58 -13.70
C THR B 49 10.59 22.71 -13.31
N LEU B 50 10.80 22.53 -12.02
CA LEU B 50 11.90 21.72 -11.51
C LEU B 50 11.40 20.55 -10.67
N LEU B 51 11.48 19.35 -11.23
CA LEU B 51 11.07 18.12 -10.56
C LEU B 51 12.21 17.73 -9.62
N GLN B 52 11.86 17.17 -8.46
CA GLN B 52 12.88 16.81 -7.49
C GLN B 52 12.37 15.92 -6.35
N LEU B 53 13.30 15.54 -5.50
CA LEU B 53 13.01 14.75 -4.32
C LEU B 53 13.55 15.64 -3.21
N HIS B 54 13.99 15.04 -2.12
CA HIS B 54 14.55 15.81 -1.02
C HIS B 54 15.86 16.44 -1.53
N THR B 55 16.00 17.75 -1.35
CA THR B 55 17.19 18.44 -1.83
C THR B 55 18.01 19.05 -0.68
N GLU B 56 19.29 19.26 -0.90
CA GLU B 56 20.15 19.80 0.14
C GLU B 56 20.94 21.01 -0.36
N GLY B 57 20.92 22.10 0.41
CA GLY B 57 21.66 23.29 0.02
C GLY B 57 21.20 24.02 -1.24
N ALA B 58 19.92 23.89 -1.57
CA ALA B 58 19.38 24.55 -2.75
C ALA B 58 18.39 25.64 -2.36
N GLU B 59 18.58 26.25 -1.20
CA GLU B 59 17.68 27.30 -0.75
C GLU B 59 17.78 28.56 -1.59
N SER B 60 18.79 28.65 -2.46
CA SER B 60 18.93 29.83 -3.30
C SER B 60 17.82 29.84 -4.36
N LEU B 61 17.35 28.65 -4.72
CA LEU B 61 16.29 28.51 -5.72
C LEU B 61 14.90 28.72 -5.12
N SER B 62 14.83 28.99 -3.83
CA SER B 62 13.54 29.20 -3.19
C SER B 62 13.34 30.69 -2.87
N HIS B 63 14.24 31.52 -3.37
CA HIS B 63 14.18 32.95 -3.15
C HIS B 63 13.03 33.53 -3.94
N PRO B 64 12.26 34.45 -3.33
CA PRO B 64 11.10 35.11 -3.94
C PRO B 64 11.38 35.68 -5.33
N SER B 65 12.63 36.04 -5.59
CA SER B 65 12.98 36.57 -6.88
C SER B 65 12.73 35.55 -8.01
N LEU B 66 12.66 34.25 -7.68
CA LEU B 66 12.43 33.25 -8.72
C LEU B 66 10.95 33.01 -8.99
N LEU B 67 10.09 33.64 -8.20
CA LEU B 67 8.65 33.45 -8.40
C LEU B 67 8.24 34.02 -9.74
N GLY B 68 7.65 33.18 -10.57
CA GLY B 68 7.23 33.62 -11.88
C GLY B 68 8.20 33.14 -12.94
N HIS B 69 9.40 32.75 -12.52
CA HIS B 69 10.38 32.26 -13.48
C HIS B 69 10.52 30.75 -13.32
N LEU B 70 10.58 30.29 -12.08
CA LEU B 70 10.73 28.87 -11.80
C LEU B 70 9.78 28.42 -10.71
N ARG B 71 9.32 27.18 -10.80
CA ARG B 71 8.41 26.64 -9.79
C ARG B 71 8.87 25.22 -9.44
N HIS B 72 8.87 24.90 -8.16
CA HIS B 72 9.30 23.58 -7.71
C HIS B 72 8.15 22.56 -7.76
N ARG B 73 8.44 21.36 -8.26
CA ARG B 73 7.46 20.27 -8.34
C ARG B 73 8.07 19.14 -7.53
N CYS B 74 7.63 19.00 -6.28
CA CYS B 74 8.20 18.02 -5.39
C CYS B 74 7.55 16.67 -5.22
N PHE B 75 8.35 15.62 -5.35
CA PHE B 75 7.88 14.27 -5.15
C PHE B 75 8.13 13.98 -3.67
N PHE B 76 8.89 14.87 -3.05
CA PHE B 76 9.22 14.76 -1.64
C PHE B 76 9.68 16.12 -1.19
N GLY B 77 9.06 16.65 -0.14
CA GLY B 77 9.45 17.96 0.34
C GLY B 77 10.71 18.02 1.19
N GLY B 78 11.26 19.22 1.30
CA GLY B 78 12.48 19.43 2.07
C GLY B 78 12.43 20.76 2.79
N VAL B 79 13.52 21.10 3.47
CA VAL B 79 13.60 22.34 4.24
C VAL B 79 13.34 23.59 3.39
N PRO B 80 13.96 23.70 2.21
CA PRO B 80 13.78 24.87 1.35
C PRO B 80 12.47 24.90 0.56
N THR B 81 11.70 23.82 0.62
CA THR B 81 10.46 23.78 -0.14
C THR B 81 9.20 23.81 0.72
N ARG B 82 9.30 23.35 1.97
CA ARG B 82 8.13 23.34 2.87
C ARG B 82 7.38 24.67 2.93
N PRO B 83 8.09 25.78 3.16
CA PRO B 83 7.41 27.06 3.23
C PRO B 83 6.71 27.40 1.93
N LEU B 84 7.29 26.95 0.82
CA LEU B 84 6.70 27.21 -0.48
C LEU B 84 5.50 26.33 -0.73
N LEU B 85 5.57 25.08 -0.29
CA LEU B 85 4.44 24.16 -0.46
C LEU B 85 3.24 24.62 0.37
N GLN B 86 3.51 24.95 1.63
CA GLN B 86 2.50 25.41 2.56
C GLN B 86 1.92 26.74 2.11
N SER B 87 2.72 27.53 1.40
CA SER B 87 2.26 28.83 0.91
C SER B 87 1.66 28.71 -0.49
N GLY B 88 1.56 27.46 -0.96
CA GLY B 88 1.00 27.21 -2.27
C GLY B 88 1.81 27.76 -3.44
N ASP B 89 3.11 27.96 -3.25
CA ASP B 89 3.97 28.48 -4.31
C ASP B 89 4.66 27.36 -5.05
N ALA B 90 4.61 26.17 -4.46
CA ALA B 90 5.22 25.00 -5.05
C ALA B 90 4.18 23.90 -5.13
N ASP B 91 4.48 22.86 -5.90
CA ASP B 91 3.56 21.75 -6.07
C ASP B 91 4.09 20.47 -5.48
N TYR B 92 3.23 19.72 -4.80
CA TYR B 92 3.60 18.44 -4.21
C TYR B 92 2.87 17.31 -4.91
N VAL B 93 3.64 16.38 -5.47
CA VAL B 93 3.09 15.24 -6.19
C VAL B 93 3.32 13.95 -5.41
N PRO B 94 2.27 13.44 -4.75
CA PRO B 94 2.45 12.21 -3.98
C PRO B 94 2.74 11.01 -4.90
N ILE B 95 3.79 10.26 -4.58
CA ILE B 95 4.15 9.10 -5.41
C ILE B 95 5.19 8.25 -4.71
N PHE B 96 5.05 6.93 -4.81
CA PHE B 96 6.03 6.03 -4.20
C PHE B 96 7.35 6.32 -4.89
N LEU B 97 8.43 6.28 -4.13
CA LEU B 97 9.73 6.56 -4.68
C LEU B 97 10.06 5.59 -5.79
N SER B 98 9.78 4.31 -5.59
CA SER B 98 10.06 3.30 -6.59
C SER B 98 9.25 3.49 -7.88
N GLU B 99 8.21 4.32 -7.83
CA GLU B 99 7.37 4.57 -9.00
C GLU B 99 7.89 5.74 -9.81
N VAL B 100 8.81 6.51 -9.23
CA VAL B 100 9.33 7.66 -9.95
C VAL B 100 10.06 7.28 -11.24
N PRO B 101 10.95 6.28 -11.20
CA PRO B 101 11.68 5.85 -12.40
C PRO B 101 10.73 5.45 -13.50
N LYS B 102 9.65 4.79 -13.11
CA LYS B 102 8.64 4.33 -14.07
C LYS B 102 7.90 5.51 -14.72
N LEU B 103 7.61 6.55 -13.94
CA LEU B 103 6.92 7.73 -14.44
C LEU B 103 7.76 8.37 -15.54
N PHE B 104 9.08 8.32 -15.36
CA PHE B 104 9.97 8.88 -16.36
C PHE B 104 10.08 7.94 -17.55
N ARG B 105 10.43 6.69 -17.31
CA ARG B 105 10.60 5.74 -18.40
C ARG B 105 9.36 5.49 -19.24
N SER B 106 8.17 5.47 -18.60
CA SER B 106 6.92 5.25 -19.32
C SER B 106 6.57 6.47 -20.18
N GLY B 107 7.36 7.53 -20.01
CA GLY B 107 7.12 8.73 -20.77
C GLY B 107 5.97 9.57 -20.24
N GLU B 108 5.37 9.15 -19.14
CA GLU B 108 4.25 9.88 -18.56
C GLU B 108 4.68 11.30 -18.16
N GLN B 109 5.90 11.42 -17.64
CA GLN B 109 6.45 12.71 -17.23
C GLN B 109 7.73 13.00 -18.02
N LYS B 110 7.65 14.01 -18.88
CA LYS B 110 8.76 14.41 -19.73
C LYS B 110 9.79 15.18 -18.92
N ILE B 111 11.04 15.09 -19.36
CA ILE B 111 12.14 15.79 -18.73
C ILE B 111 13.02 16.38 -19.83
N ASP B 112 13.09 17.70 -19.92
CA ASP B 112 13.91 18.31 -20.97
C ASP B 112 15.39 18.27 -20.63
N THR B 113 15.73 18.47 -19.36
CA THR B 113 17.12 18.43 -18.97
C THR B 113 17.32 18.02 -17.51
N ALA B 114 18.36 17.23 -17.28
CA ALA B 114 18.67 16.76 -15.93
C ALA B 114 19.96 17.38 -15.43
N ILE B 115 19.90 17.99 -14.26
CA ILE B 115 21.08 18.60 -13.66
C ILE B 115 21.66 17.56 -12.70
N ILE B 116 22.91 17.18 -12.91
CA ILE B 116 23.49 16.17 -12.03
C ILE B 116 24.90 16.48 -11.59
N GLN B 117 25.36 15.76 -10.57
CA GLN B 117 26.70 15.92 -10.04
C GLN B 117 27.40 14.57 -10.10
N VAL B 118 28.50 14.48 -10.84
CA VAL B 118 29.21 13.20 -10.95
C VAL B 118 30.70 13.25 -10.63
N SER B 119 31.29 12.07 -10.48
CA SER B 119 32.71 11.98 -10.21
C SER B 119 33.37 12.17 -11.57
N PRO B 120 34.63 12.61 -11.58
CA PRO B 120 35.31 12.81 -12.85
C PRO B 120 35.36 11.55 -13.69
N PRO B 121 35.37 11.70 -15.01
CA PRO B 121 35.42 10.55 -15.91
C PRO B 121 36.71 9.78 -15.77
N ASP B 122 36.65 8.46 -15.93
CA ASP B 122 37.84 7.61 -15.85
C ASP B 122 38.44 7.38 -17.23
N LYS B 123 39.46 6.54 -17.30
CA LYS B 123 40.14 6.22 -18.56
C LYS B 123 39.15 5.83 -19.66
N HIS B 124 37.98 5.31 -19.26
CA HIS B 124 36.95 4.88 -20.20
C HIS B 124 35.89 5.95 -20.39
N GLY B 125 36.12 7.10 -19.77
CA GLY B 125 35.15 8.20 -19.87
C GLY B 125 33.89 7.96 -19.07
N CYS B 127 31.61 8.18 -15.63
CA CYS B 127 31.40 9.00 -14.44
C CYS B 127 30.42 8.28 -13.53
N SER B 128 30.30 8.76 -12.30
CA SER B 128 29.40 8.15 -11.36
C SER B 128 28.44 9.15 -10.74
N LEU B 129 27.19 8.72 -10.55
CA LEU B 129 26.16 9.54 -9.93
C LEU B 129 26.46 9.63 -8.44
N GLY B 130 27.49 8.93 -8.02
CA GLY B 130 27.92 8.96 -6.63
C GLY B 130 26.99 8.54 -5.51
N ILE B 131 26.87 9.40 -4.50
CA ILE B 131 26.04 9.06 -3.35
C ILE B 131 24.54 9.05 -3.57
N SER B 132 24.12 9.43 -4.77
CA SER B 132 22.69 9.42 -5.08
C SER B 132 22.35 8.84 -6.43
N VAL B 133 21.85 7.62 -6.42
CA VAL B 133 21.42 7.00 -7.67
C VAL B 133 19.93 7.25 -7.74
N GLU B 134 19.20 6.85 -6.72
CA GLU B 134 17.76 7.06 -6.68
C GLU B 134 17.08 6.98 -8.05
N ALA B 135 16.40 8.05 -8.45
CA ALA B 135 15.69 8.09 -9.72
C ALA B 135 16.36 8.95 -10.77
N THR B 136 17.54 9.47 -10.45
CA THR B 136 18.25 10.33 -11.38
C THR B 136 18.74 9.50 -12.59
N LEU B 137 19.12 8.26 -12.34
CA LEU B 137 19.58 7.37 -13.40
C LEU B 137 18.47 7.25 -14.46
N ALA B 138 17.23 7.09 -14.00
CA ALA B 138 16.07 6.99 -14.88
C ALA B 138 15.79 8.33 -15.58
N ALA B 139 16.05 9.43 -14.85
CA ALA B 139 15.86 10.77 -15.39
C ALA B 139 16.88 11.01 -16.49
N CYS B 140 18.12 10.59 -16.26
CA CYS B 140 19.17 10.75 -17.26
C CYS B 140 18.87 9.93 -18.51
N GLN B 141 18.06 8.89 -18.36
CA GLN B 141 17.72 8.04 -19.48
C GLN B 141 16.78 8.75 -20.44
N VAL B 142 15.74 9.38 -19.89
CA VAL B 142 14.76 10.04 -20.73
C VAL B 142 15.01 11.52 -20.95
N ALA B 143 15.92 12.12 -20.20
CA ALA B 143 16.18 13.53 -20.34
C ALA B 143 16.57 13.97 -21.75
N GLY B 144 16.00 15.07 -22.22
CA GLY B 144 16.35 15.57 -23.52
C GLY B 144 17.84 15.86 -23.60
N LYS B 145 18.37 16.53 -22.58
CA LYS B 145 19.80 16.83 -22.52
C LYS B 145 20.27 16.75 -21.06
N ILE B 146 21.56 16.55 -20.85
CA ILE B 146 22.08 16.47 -19.48
C ILE B 146 23.18 17.49 -19.21
N ILE B 147 23.08 18.17 -18.08
CA ILE B 147 24.07 19.15 -17.67
C ILE B 147 24.70 18.59 -16.40
N ALA B 148 25.95 18.19 -16.49
CA ALA B 148 26.64 17.59 -15.36
C ALA B 148 27.70 18.48 -14.72
N HIS B 149 27.86 18.31 -13.44
CA HIS B 149 28.84 19.06 -12.72
C HIS B 149 29.85 18.03 -12.24
N ILE B 150 31.07 18.13 -12.75
CA ILE B 150 32.12 17.19 -12.39
C ILE B 150 32.79 17.63 -11.09
N ASN B 151 32.65 16.79 -10.07
CA ASN B 151 33.21 17.10 -8.76
C ASN B 151 34.13 16.01 -8.25
N PRO B 152 35.43 16.28 -8.18
CA PRO B 152 36.44 15.33 -7.71
C PRO B 152 36.12 14.80 -6.31
N GLN B 153 35.20 15.46 -5.63
CA GLN B 153 34.82 15.06 -4.28
C GLN B 153 33.74 13.98 -4.34
N PRO B 155 32.29 10.65 -4.63
CA PRO B 155 32.85 9.31 -4.64
C PRO B 155 32.33 8.48 -5.81
N ARG B 156 33.19 7.58 -6.33
CA ARG B 156 32.87 6.69 -7.45
C ARG B 156 32.18 5.45 -6.91
N THR B 157 30.89 5.59 -6.59
CA THR B 157 30.12 4.48 -6.03
C THR B 157 29.90 3.33 -6.98
N HIS B 158 29.81 2.12 -6.43
CA HIS B 158 29.56 0.94 -7.28
C HIS B 158 28.08 0.70 -7.39
N GLY B 159 27.69 0.06 -8.49
CA GLY B 159 26.28 -0.21 -8.74
C GLY B 159 25.80 0.36 -10.07
N ASP B 160 24.61 0.94 -10.08
CA ASP B 160 24.08 1.47 -11.33
C ASP B 160 24.32 2.96 -11.54
N GLY B 161 25.17 3.56 -10.73
CA GLY B 161 25.42 4.98 -10.88
C GLY B 161 26.34 5.41 -12.02
N PHE B 162 26.82 4.47 -12.82
CA PHE B 162 27.72 4.80 -13.91
C PHE B 162 27.05 5.35 -15.18
N ILE B 163 27.67 6.34 -15.80
CA ILE B 163 27.15 6.98 -17.01
C ILE B 163 28.34 7.57 -17.80
N HIS B 164 28.25 7.48 -19.13
CA HIS B 164 29.32 7.99 -19.97
C HIS B 164 29.25 9.49 -20.23
N ILE B 165 30.39 10.16 -20.18
CA ILE B 165 30.43 11.60 -20.38
C ILE B 165 29.93 12.10 -21.73
N ASP B 166 29.85 11.24 -22.74
CA ASP B 166 29.33 11.70 -24.02
C ASP B 166 27.81 11.84 -23.99
N ARG B 167 27.20 11.43 -22.88
CA ARG B 167 25.76 11.55 -22.75
C ARG B 167 25.41 12.92 -22.18
N PHE B 168 26.44 13.75 -22.01
CA PHE B 168 26.28 15.09 -21.44
C PHE B 168 26.33 16.18 -22.52
N ALA B 169 25.47 17.18 -22.42
CA ALA B 169 25.45 18.26 -23.41
C ALA B 169 26.45 19.32 -23.00
N ALA B 170 26.63 19.43 -21.69
CA ALA B 170 27.53 20.41 -21.11
C ALA B 170 28.16 19.82 -19.87
N VAL B 171 29.32 20.37 -19.51
CA VAL B 171 30.06 19.91 -18.36
C VAL B 171 30.89 21.04 -17.73
N TYR B 172 30.79 21.18 -16.41
CA TYR B 172 31.54 22.19 -15.67
C TYR B 172 32.24 21.49 -14.51
N GLU B 173 33.53 21.69 -14.40
CA GLU B 173 34.28 21.01 -13.36
C GLU B 173 34.84 21.89 -12.24
N GLN B 174 34.60 21.48 -11.00
CA GLN B 174 35.13 22.19 -9.85
C GLN B 174 34.90 21.37 -8.58
N SER B 175 35.88 21.35 -7.69
CA SER B 175 35.75 20.61 -6.45
C SER B 175 34.88 21.40 -5.51
N ALA B 176 33.86 20.75 -4.95
CA ALA B 176 32.97 21.41 -4.03
C ALA B 176 32.71 20.47 -2.87
N SER B 177 32.17 21.02 -1.79
CA SER B 177 31.88 20.22 -0.61
C SER B 177 30.54 19.52 -0.72
N LEU B 178 30.47 18.30 -0.21
CA LEU B 178 29.23 17.54 -0.20
C LEU B 178 28.58 17.76 1.15
N PRO B 179 27.26 17.97 1.18
CA PRO B 179 26.59 18.19 2.46
C PRO B 179 26.80 17.00 3.41
N ILE B 180 27.52 17.23 4.50
CA ILE B 180 27.78 16.18 5.47
C ILE B 180 26.53 15.81 6.25
N HIS B 181 25.60 16.75 6.37
CA HIS B 181 24.37 16.49 7.10
C HIS B 181 24.64 15.82 8.45
N SER B 182 24.70 16.62 9.50
CA SER B 182 24.92 16.12 10.86
C SER B 182 23.92 16.80 11.78
N PHE B 183 22.73 17.10 11.24
CA PHE B 183 21.66 17.76 11.98
C PHE B 183 21.13 16.91 13.15
N ALA B 184 21.40 15.62 13.10
CA ALA B 184 20.96 14.70 14.14
C ALA B 184 21.58 15.10 15.48
N THR B 185 21.10 14.49 16.56
CA THR B 185 21.61 14.78 17.90
C THR B 185 21.00 13.83 18.95
N GLY B 186 21.86 13.22 19.76
CA GLY B 186 21.40 12.30 20.79
C GLY B 186 20.33 12.89 21.69
N ASP B 187 19.49 12.04 22.30
CA ASP B 187 18.40 12.49 23.18
C ASP B 187 17.93 11.39 24.12
N ALA B 188 17.25 11.77 25.20
CA ALA B 188 16.75 10.80 26.17
C ALA B 188 15.67 9.89 25.58
N VAL B 189 14.78 10.49 24.80
CA VAL B 189 13.68 9.75 24.16
C VAL B 189 14.24 8.81 23.09
N SER B 190 15.14 9.33 22.26
CA SER B 190 15.77 8.55 21.20
C SER B 190 16.40 7.30 21.77
N LEU B 191 17.17 7.45 22.84
CA LEU B 191 17.81 6.30 23.47
C LEU B 191 16.76 5.27 23.87
N ALA B 192 15.70 5.75 24.53
CA ALA B 192 14.63 4.87 24.98
C ALA B 192 14.06 4.08 23.81
N ILE B 193 13.67 4.78 22.76
CA ILE B 193 13.12 4.12 21.56
C ILE B 193 14.15 3.17 20.95
N GLY B 194 15.41 3.59 20.97
CA GLY B 194 16.46 2.77 20.41
C GLY B 194 16.53 1.44 21.12
N GLN B 195 16.42 1.48 22.44
CA GLN B 195 16.48 0.28 23.24
C GLN B 195 15.32 -0.67 22.94
N HIS B 196 14.11 -0.12 22.89
CA HIS B 196 12.94 -0.94 22.61
C HIS B 196 13.06 -1.64 21.27
N VAL B 197 13.38 -0.88 20.22
CA VAL B 197 13.49 -1.46 18.89
C VAL B 197 14.58 -2.53 18.84
N ALA B 198 15.70 -2.24 19.49
CA ALA B 198 16.82 -3.16 19.54
C ALA B 198 16.40 -4.55 19.99
N GLU B 199 15.44 -4.63 20.90
CA GLU B 199 14.98 -5.93 21.40
C GLU B 199 14.21 -6.73 20.35
N LEU B 200 13.70 -6.06 19.32
CA LEU B 200 12.97 -6.77 18.27
C LEU B 200 13.92 -7.30 17.21
N VAL B 201 15.13 -6.75 17.16
CA VAL B 201 16.13 -7.17 16.17
C VAL B 201 16.84 -8.47 16.51
N ARG B 202 16.70 -9.45 15.63
CA ARG B 202 17.32 -10.75 15.81
C ARG B 202 18.59 -10.84 14.98
N ASP B 203 19.50 -11.74 15.36
CA ASP B 203 20.73 -11.91 14.62
C ASP B 203 20.37 -12.33 13.20
N GLY B 204 21.25 -11.98 12.25
CA GLY B 204 21.03 -12.33 10.86
C GLY B 204 19.95 -11.51 10.17
N ASP B 205 19.39 -10.54 10.88
CA ASP B 205 18.36 -9.68 10.31
C ASP B 205 18.88 -8.78 9.20
N CYS B 206 18.04 -8.54 8.20
CA CYS B 206 18.40 -7.69 7.07
C CYS B 206 17.83 -6.30 7.29
N LEU B 207 18.65 -5.41 7.85
CA LEU B 207 18.23 -4.05 8.16
C LEU B 207 17.83 -3.07 7.07
N GLN B 208 16.96 -2.15 7.48
CA GLN B 208 16.50 -1.07 6.62
C GLN B 208 16.08 0.06 7.56
N GLY B 210 16.42 4.76 8.35
CA GLY B 210 16.61 6.12 7.90
C GLY B 210 17.66 6.84 8.74
N ILE B 211 17.76 8.16 8.57
CA ILE B 211 18.72 8.98 9.31
C ILE B 211 18.06 9.70 10.48
N GLY B 212 18.85 9.97 11.51
CA GLY B 212 18.35 10.66 12.68
C GLY B 212 18.83 10.06 13.99
N ALA B 213 18.38 10.67 15.08
CA ALA B 213 18.73 10.25 16.42
C ALA B 213 18.20 8.85 16.73
N ILE B 214 16.96 8.60 16.39
CA ILE B 214 16.35 7.30 16.66
C ILE B 214 17.17 6.19 16.00
N PRO B 215 17.34 6.24 14.67
CA PRO B 215 18.11 5.20 13.99
C PRO B 215 19.48 5.01 14.64
N ASP B 216 20.17 6.10 14.93
CA ASP B 216 21.48 5.99 15.57
C ASP B 216 21.41 5.28 16.90
N ALA B 217 20.47 5.68 17.74
CA ALA B 217 20.31 5.06 19.04
C ALA B 217 20.09 3.57 18.86
N VAL B 218 19.35 3.21 17.83
CA VAL B 218 19.06 1.80 17.55
C VAL B 218 20.34 1.07 17.17
N LEU B 219 21.09 1.68 16.26
CA LEU B 219 22.34 1.09 15.79
C LEU B 219 23.33 0.91 16.92
N SER B 220 23.36 1.85 17.84
CA SER B 220 24.27 1.77 18.97
C SER B 220 23.92 0.60 19.89
N CYS B 221 22.69 0.09 19.80
CA CYS B 221 22.28 -1.04 20.65
C CYS B 221 22.38 -2.37 19.91
N LEU B 222 22.95 -2.35 18.71
CA LEU B 222 23.09 -3.56 17.93
C LEU B 222 24.52 -4.06 17.89
N THR B 223 25.41 -3.35 18.62
CA THR B 223 26.83 -3.71 18.66
C THR B 223 27.06 -5.09 19.22
N GLY B 224 25.99 -5.75 19.63
CA GLY B 224 26.11 -7.09 20.18
C GLY B 224 25.58 -8.16 19.25
N HIS B 225 24.85 -7.75 18.20
CA HIS B 225 24.32 -8.73 17.26
C HIS B 225 25.39 -9.18 16.28
N LYS B 226 25.02 -10.03 15.34
CA LYS B 226 25.97 -10.52 14.36
C LYS B 226 25.30 -11.04 13.09
N ASP B 227 26.05 -11.05 12.00
CA ASP B 227 25.59 -11.48 10.69
C ASP B 227 24.42 -10.67 10.18
N LEU B 228 24.37 -9.41 10.57
CA LEU B 228 23.29 -8.54 10.12
C LEU B 228 23.52 -8.12 8.68
N GLY B 229 22.43 -7.95 7.95
CA GLY B 229 22.53 -7.55 6.56
C GLY B 229 21.99 -6.15 6.35
N VAL B 230 22.19 -5.61 5.15
CA VAL B 230 21.73 -4.27 4.85
C VAL B 230 21.14 -4.14 3.45
N HIS B 231 19.87 -3.75 3.38
CA HIS B 231 19.14 -3.53 2.12
C HIS B 231 18.19 -2.40 2.48
N THR B 232 18.65 -1.17 2.28
CA THR B 232 17.88 -0.01 2.67
C THR B 232 17.80 1.08 1.61
N GLU B 233 16.92 2.03 1.87
CA GLU B 233 16.77 3.19 1.00
C GLU B 233 17.99 4.11 1.07
N LEU B 234 18.59 4.12 2.27
CA LEU B 234 19.80 4.92 2.48
C LEU B 234 20.45 4.53 3.80
N PHE B 235 21.69 4.95 4.01
CA PHE B 235 22.35 4.65 5.27
C PHE B 235 23.33 5.76 5.62
N SER B 236 23.71 5.82 6.89
CA SER B 236 24.65 6.86 7.31
C SER B 236 25.75 6.28 8.15
N ASP B 237 26.43 7.17 8.85
CA ASP B 237 27.54 6.80 9.73
C ASP B 237 27.16 5.70 10.71
N GLY B 238 25.90 5.68 11.13
CA GLY B 238 25.46 4.65 12.06
C GLY B 238 25.82 3.27 11.58
N ILE B 239 25.54 2.99 10.31
CA ILE B 239 25.82 1.68 9.76
C ILE B 239 27.32 1.41 9.66
N LEU B 240 28.04 2.41 9.16
CA LEU B 240 29.48 2.32 9.00
C LEU B 240 30.14 1.78 10.27
N GLN B 241 29.70 2.24 11.44
CA GLN B 241 30.29 1.80 12.71
C GLN B 241 30.07 0.31 12.99
N LEU B 242 28.91 -0.21 12.62
CA LEU B 242 28.59 -1.63 12.84
C LEU B 242 29.33 -2.51 11.84
N VAL B 243 29.70 -1.92 10.72
CA VAL B 243 30.42 -2.67 9.71
C VAL B 243 31.84 -2.91 10.21
N GLU B 244 32.48 -1.87 10.72
CA GLU B 244 33.84 -2.01 11.19
C GLU B 244 33.90 -2.87 12.45
N LYS B 245 32.74 -3.12 13.04
CA LYS B 245 32.63 -3.95 14.23
C LYS B 245 32.40 -5.42 13.84
N GLY B 246 32.19 -5.67 12.56
CA GLY B 246 31.95 -7.03 12.11
C GLY B 246 30.51 -7.49 12.31
N VAL B 247 29.70 -6.64 12.96
CA VAL B 247 28.29 -6.95 13.23
C VAL B 247 27.51 -7.12 11.94
N ILE B 248 27.87 -6.35 10.92
CA ILE B 248 27.21 -6.42 9.61
C ILE B 248 28.14 -7.10 8.60
N ASN B 249 27.64 -8.11 7.92
CA ASN B 249 28.44 -8.83 6.91
C ASN B 249 27.60 -9.33 5.73
N ASN B 250 26.30 -9.04 5.76
CA ASN B 250 25.42 -9.42 4.68
C ASN B 250 25.52 -10.88 4.28
N THR B 251 25.94 -11.71 5.23
CA THR B 251 26.09 -13.13 4.97
C THR B 251 24.75 -13.86 4.84
N LYS B 252 23.72 -13.37 5.51
CA LYS B 252 22.42 -14.04 5.47
C LYS B 252 21.42 -13.56 4.43
N LYS B 253 21.84 -12.66 3.55
CA LYS B 253 20.96 -12.16 2.52
C LYS B 253 20.96 -13.10 1.32
N ARG B 254 19.91 -13.04 0.50
CA ARG B 254 19.84 -13.91 -0.68
C ARG B 254 19.96 -13.06 -1.93
N PHE B 255 19.67 -11.77 -1.79
CA PHE B 255 19.75 -10.85 -2.92
C PHE B 255 20.96 -9.97 -2.69
N TYR B 256 22.00 -10.22 -3.46
CA TYR B 256 23.27 -9.51 -3.36
C TYR B 256 23.90 -9.74 -1.99
N PRO B 257 24.21 -11.01 -1.67
CA PRO B 257 24.83 -11.33 -0.38
C PRO B 257 26.27 -10.83 -0.30
N GLY B 258 26.73 -10.55 0.92
CA GLY B 258 28.08 -10.06 1.10
C GLY B 258 28.23 -8.57 0.83
N LYS B 259 27.21 -7.94 0.24
CA LYS B 259 27.27 -6.52 -0.08
C LYS B 259 26.15 -5.66 0.52
N LEU B 260 26.45 -4.40 0.78
CA LEU B 260 25.46 -3.47 1.30
C LEU B 260 24.74 -2.90 0.09
N VAL B 261 23.43 -2.69 0.19
CA VAL B 261 22.65 -2.17 -0.92
C VAL B 261 21.79 -0.97 -0.46
N THR B 262 21.77 0.09 -1.26
CA THR B 262 20.97 1.27 -0.97
C THR B 262 20.72 2.07 -2.23
N GLY B 263 19.85 3.08 -2.09
CA GLY B 263 19.53 3.95 -3.20
C GLY B 263 20.42 5.17 -3.13
N PHE B 264 20.84 5.51 -1.92
CA PHE B 264 21.72 6.65 -1.68
C PHE B 264 22.34 6.65 -0.28
N ALA B 265 23.22 7.61 -0.04
CA ALA B 265 23.91 7.75 1.24
C ALA B 265 24.01 9.20 1.66
N LEU B 266 24.16 9.41 2.96
CA LEU B 266 24.26 10.77 3.50
C LEU B 266 24.96 10.70 4.86
N GLY B 267 26.00 11.52 5.05
CA GLY B 267 26.71 11.51 6.30
C GLY B 267 28.03 12.24 6.26
N SER B 268 28.95 11.88 7.15
CA SER B 268 30.25 12.56 7.18
C SER B 268 31.20 12.15 6.04
N GLN B 269 32.34 12.83 5.97
CA GLN B 269 33.32 12.54 4.93
C GLN B 269 33.88 11.14 5.05
N LYS B 270 33.86 10.58 6.27
CA LYS B 270 34.35 9.23 6.50
C LYS B 270 33.43 8.27 5.74
N LEU B 271 32.14 8.54 5.76
CA LEU B 271 31.18 7.67 5.07
C LEU B 271 31.47 7.72 3.58
N TYR B 272 31.53 8.93 3.04
CA TYR B 272 31.76 9.09 1.62
C TYR B 272 33.07 8.46 1.19
N ASP B 273 33.96 8.33 2.15
CA ASP B 273 35.26 7.76 1.92
C ASP B 273 35.16 6.26 1.84
N TYR B 274 34.25 5.74 2.67
CA TYR B 274 34.02 4.31 2.76
C TYR B 274 33.30 3.81 1.51
N VAL B 275 32.29 4.55 1.06
CA VAL B 275 31.56 4.10 -0.12
C VAL B 275 32.35 4.37 -1.40
N ASP B 276 33.28 5.30 -1.35
CA ASP B 276 34.06 5.62 -2.53
C ASP B 276 34.76 4.44 -3.20
N ASP B 277 34.28 4.06 -4.38
CA ASP B 277 34.87 2.96 -5.13
C ASP B 277 35.00 1.68 -4.29
N ASN B 278 34.00 1.41 -3.45
CA ASN B 278 34.01 0.23 -2.59
C ASN B 278 33.14 -0.89 -3.15
N PRO B 279 33.77 -1.97 -3.64
CA PRO B 279 33.07 -3.13 -4.20
C PRO B 279 32.00 -3.74 -3.29
N ALA B 280 32.17 -3.56 -1.98
CA ALA B 280 31.21 -4.12 -1.04
C ALA B 280 29.94 -3.27 -0.88
N VAL B 281 29.96 -2.02 -1.35
CA VAL B 281 28.79 -1.15 -1.24
C VAL B 281 28.16 -0.91 -2.61
N ILE B 282 26.91 -1.32 -2.76
CA ILE B 282 26.21 -1.17 -4.02
C ILE B 282 25.02 -0.20 -3.96
N PHE B 283 25.15 0.89 -4.72
CA PHE B 283 24.12 1.89 -4.84
C PHE B 283 23.28 1.45 -6.01
N ASP B 285 19.42 1.37 -8.15
CA ASP B 285 18.29 2.17 -8.59
C ASP B 285 17.06 1.93 -7.70
N ILE B 286 16.46 3.00 -7.17
CA ILE B 286 15.30 2.86 -6.30
C ILE B 286 14.18 1.99 -6.87
N GLU B 287 14.08 1.90 -8.18
CA GLU B 287 13.04 1.08 -8.79
C GLU B 287 13.21 -0.38 -8.38
N GLN B 288 14.43 -0.74 -7.98
CA GLN B 288 14.76 -2.08 -7.55
C GLN B 288 14.91 -2.18 -6.02
N VAL B 289 15.77 -1.35 -5.45
CA VAL B 289 16.00 -1.38 -4.00
C VAL B 289 14.71 -1.22 -3.22
N ASN B 290 13.79 -0.40 -3.75
CA ASN B 290 12.51 -0.15 -3.09
C ASN B 290 11.35 -0.94 -3.69
N ASP B 291 11.69 -2.04 -4.34
CA ASP B 291 10.70 -2.93 -4.95
C ASP B 291 10.36 -4.06 -3.98
N THR B 292 9.13 -4.05 -3.47
CA THR B 292 8.69 -5.06 -2.51
C THR B 292 8.97 -6.47 -3.01
N SER B 293 8.87 -6.65 -4.32
CA SER B 293 9.14 -7.96 -4.92
C SER B 293 10.59 -8.40 -4.67
N ILE B 294 11.51 -7.43 -4.57
CA ILE B 294 12.91 -7.74 -4.33
C ILE B 294 13.23 -7.80 -2.84
N ILE B 295 12.70 -6.85 -2.09
CA ILE B 295 12.92 -6.78 -0.64
C ILE B 295 12.54 -8.07 0.09
N ARG B 296 11.40 -8.65 -0.30
CA ARG B 296 10.90 -9.90 0.29
C ARG B 296 11.84 -11.09 0.03
N LYS B 297 12.75 -10.95 -0.92
CA LYS B 297 13.68 -12.04 -1.23
C LYS B 297 14.64 -12.34 -0.08
N ASN B 298 14.91 -11.35 0.76
CA ASN B 298 15.80 -11.55 1.89
C ASN B 298 15.02 -11.93 3.14
N PRO B 299 15.42 -13.01 3.80
CA PRO B 299 14.76 -13.48 5.03
C PRO B 299 15.05 -12.61 6.22
N ASN B 300 14.11 -12.57 7.15
CA ASN B 300 14.28 -11.78 8.37
C ASN B 300 14.51 -10.29 8.16
N VAL B 301 13.82 -9.71 7.19
CA VAL B 301 13.94 -8.28 6.94
C VAL B 301 13.45 -7.51 8.18
N ALA B 303 12.49 -3.75 8.99
CA ALA B 303 12.24 -2.43 8.47
C ALA B 303 11.89 -1.46 9.59
N ILE B 304 12.74 -0.47 9.79
CA ILE B 304 12.51 0.52 10.83
C ILE B 304 12.35 1.92 10.26
N ASN B 305 11.15 2.47 10.38
CA ASN B 305 10.88 3.80 9.86
C ASN B 305 10.24 4.67 10.92
N SER B 306 9.97 5.93 10.58
CA SER B 306 9.36 6.84 11.53
C SER B 306 8.06 7.41 10.98
N ALA B 307 7.39 8.22 11.80
CA ALA B 307 6.14 8.83 11.41
C ALA B 307 5.87 10.15 12.15
N LEU B 308 4.92 10.91 11.65
CA LEU B 308 4.56 12.18 12.26
C LEU B 308 3.36 12.04 13.18
N GLN B 309 2.33 11.31 12.73
CA GLN B 309 1.13 11.13 13.54
C GLN B 309 0.51 9.76 13.28
N VAL B 310 0.04 9.13 14.36
CA VAL B 310 -0.60 7.82 14.31
C VAL B 310 -1.90 7.83 15.08
N ASP B 311 -2.98 7.29 14.51
CA ASP B 311 -4.26 7.26 15.20
C ASP B 311 -4.43 5.99 16.04
N LEU B 312 -5.42 5.99 16.92
CA LEU B 312 -5.65 4.83 17.80
C LEU B 312 -5.95 3.57 17.03
N THR B 313 -6.00 3.64 15.72
CA THR B 313 -6.35 2.48 14.95
C THR B 313 -5.14 1.88 14.23
N GLY B 314 -4.09 2.69 14.11
CA GLY B 314 -2.91 2.24 13.44
C GLY B 314 -2.68 2.93 12.09
N GLN B 315 -3.50 3.91 11.71
CA GLN B 315 -3.26 4.59 10.44
C GLN B 315 -2.06 5.51 10.65
N VAL B 316 -1.07 5.37 9.79
CA VAL B 316 0.17 6.13 9.88
C VAL B 316 0.30 7.27 8.90
N CYS B 317 0.61 8.45 9.43
CA CYS B 317 0.82 9.66 8.62
C CYS B 317 2.26 10.06 8.77
N ALA B 318 2.98 10.17 7.66
CA ALA B 318 4.39 10.50 7.73
C ALA B 318 4.92 11.46 6.68
N ASP B 319 4.02 12.02 5.87
CA ASP B 319 4.43 12.96 4.84
C ASP B 319 3.91 14.39 5.09
N SER B 320 3.11 14.57 6.13
CA SER B 320 2.56 15.89 6.40
C SER B 320 1.92 16.05 7.77
N ILE B 321 1.54 17.28 8.09
CA ILE B 321 0.87 17.62 9.35
C ILE B 321 -0.43 18.29 8.97
N GLY B 322 -1.48 17.47 8.83
CA GLY B 322 -2.77 18.01 8.43
C GLY B 322 -2.77 18.15 6.92
N THR B 323 -2.97 19.37 6.43
CA THR B 323 -2.99 19.63 5.01
C THR B 323 -1.68 20.24 4.53
N LYS B 324 -0.79 20.54 5.47
CA LYS B 324 0.50 21.10 5.12
C LYS B 324 1.52 20.00 4.90
N ILE B 325 2.03 19.91 3.67
CA ILE B 325 3.00 18.88 3.31
C ILE B 325 4.35 19.14 3.96
N TYR B 326 4.86 18.13 4.67
CA TYR B 326 6.16 18.25 5.33
C TYR B 326 7.26 17.55 4.52
N SER B 327 7.00 16.32 4.08
CA SER B 327 8.02 15.60 3.33
C SER B 327 7.47 14.84 2.12
N GLY B 328 7.27 13.54 2.28
CA GLY B 328 6.75 12.75 1.17
C GLY B 328 6.50 11.29 1.51
N VAL B 329 5.90 10.58 0.55
CA VAL B 329 5.59 9.16 0.70
C VAL B 329 6.86 8.35 0.84
N GLY B 330 7.82 8.63 -0.02
CA GLY B 330 9.09 7.93 0.02
C GLY B 330 8.97 6.45 -0.26
N GLY B 331 9.41 5.63 0.69
CA GLY B 331 9.34 4.20 0.46
C GLY B 331 9.23 3.39 1.74
N GLN B 332 8.65 3.98 2.77
CA GLN B 332 8.50 3.26 4.03
C GLN B 332 7.43 2.20 3.91
N ASP B 334 6.53 0.41 1.10
CA ASP B 334 7.05 -0.73 0.35
C ASP B 334 7.94 -1.59 1.25
N PHE B 335 8.73 -0.96 2.10
CA PHE B 335 9.63 -1.69 3.00
C PHE B 335 8.87 -2.39 4.10
N ILE B 336 7.77 -1.79 4.54
CA ILE B 336 6.95 -2.36 5.59
C ILE B 336 6.17 -3.56 5.07
N ARG B 337 5.76 -3.50 3.80
CA ARG B 337 5.03 -4.62 3.21
C ARG B 337 6.01 -5.74 2.89
N GLY B 338 7.12 -5.40 2.24
CA GLY B 338 8.13 -6.38 1.88
C GLY B 338 8.59 -7.08 3.14
N ALA B 339 8.67 -6.32 4.21
CA ALA B 339 9.09 -6.87 5.49
C ALA B 339 8.08 -7.92 5.96
N GLY B 340 6.79 -7.68 5.71
CA GLY B 340 5.78 -8.63 6.13
C GLY B 340 5.79 -9.90 5.29
N LEU B 341 6.12 -9.73 4.02
CA LEU B 341 6.18 -10.84 3.07
C LEU B 341 7.45 -11.66 3.26
N SER B 342 8.50 -11.04 3.79
CA SER B 342 9.77 -11.72 4.03
C SER B 342 9.66 -12.78 5.13
N GLU B 343 10.41 -13.86 4.99
CA GLU B 343 10.35 -14.94 5.99
C GLU B 343 10.86 -14.46 7.35
N GLY B 344 9.94 -14.37 8.30
CA GLY B 344 10.31 -13.94 9.64
C GLY B 344 10.60 -12.47 9.70
N GLY B 345 10.14 -11.74 8.68
CA GLY B 345 10.37 -10.30 8.63
C GLY B 345 9.51 -9.53 9.62
N ARG B 346 10.01 -8.38 10.03
CA ARG B 346 9.29 -7.53 10.97
C ARG B 346 9.51 -6.09 10.59
N SER B 347 8.51 -5.26 10.84
CA SER B 347 8.62 -3.83 10.55
C SER B 347 8.30 -3.10 11.83
N VAL B 348 8.75 -1.85 11.91
CA VAL B 348 8.52 -1.05 13.09
C VAL B 348 8.47 0.42 12.75
N ILE B 349 7.45 1.07 13.28
CA ILE B 349 7.27 2.51 13.10
C ILE B 349 7.65 3.11 14.44
N ALA B 350 8.81 3.79 14.47
CA ALA B 350 9.35 4.39 15.67
C ALA B 350 9.23 5.91 15.64
N LEU B 351 8.65 6.47 16.70
CA LEU B 351 8.48 7.92 16.80
C LEU B 351 8.31 8.34 18.25
N PRO B 352 8.68 9.59 18.55
CA PRO B 352 8.54 10.10 19.93
C PRO B 352 7.05 10.13 20.28
N SER B 353 6.71 9.84 21.54
CA SER B 353 5.29 9.88 21.93
C SER B 353 4.68 11.28 21.74
N THR B 354 5.51 12.31 21.80
CA THR B 354 4.99 13.67 21.65
C THR B 354 5.78 14.51 20.66
N ALA B 355 5.41 15.78 20.57
CA ALA B 355 6.08 16.70 19.66
C ALA B 355 5.77 18.13 20.11
N ALA B 356 6.31 19.09 19.37
CA ALA B 356 6.06 20.50 19.67
C ALA B 356 6.43 20.84 21.11
N GLY B 357 7.44 20.17 21.65
CA GLY B 357 7.85 20.45 23.01
C GLY B 357 7.18 19.53 24.00
N GLY B 358 6.26 18.70 23.51
CA GLY B 358 5.57 17.78 24.40
C GLY B 358 4.12 18.17 24.63
N ARG B 359 3.63 19.12 23.83
CA ARG B 359 2.24 19.54 23.99
C ARG B 359 1.34 18.83 22.98
N ILE B 360 1.96 18.24 21.96
CA ILE B 360 1.19 17.52 20.96
C ILE B 360 1.51 16.04 21.00
N SER B 361 0.47 15.21 21.06
CA SER B 361 0.65 13.77 21.09
C SER B 361 0.72 13.24 19.66
N ARG B 362 1.79 12.51 19.34
CA ARG B 362 1.93 11.97 17.99
C ARG B 362 0.89 10.86 17.79
N ILE B 363 0.47 10.26 18.90
CA ILE B 363 -0.55 9.24 18.87
C ILE B 363 -1.85 9.95 19.22
N ALA B 364 -2.61 10.32 18.19
CA ALA B 364 -3.86 11.01 18.36
C ALA B 364 -4.99 10.03 18.19
N SER B 365 -6.14 10.38 18.75
CA SER B 365 -7.30 9.52 18.66
C SER B 365 -7.71 9.39 17.18
N VAL B 366 -7.51 10.46 16.42
CA VAL B 366 -7.84 10.44 15.01
C VAL B 366 -6.87 11.35 14.27
N LEU B 367 -6.59 11.02 13.02
CA LEU B 367 -5.68 11.82 12.24
C LEU B 367 -6.29 13.19 11.94
N SER B 368 -5.43 14.21 11.94
CA SER B 368 -5.84 15.57 11.67
C SER B 368 -6.51 15.67 10.29
N PRO B 369 -7.55 16.51 10.17
CA PRO B 369 -8.25 16.65 8.90
C PRO B 369 -7.32 16.81 7.71
N GLY B 370 -7.40 15.87 6.78
CA GLY B 370 -6.58 15.93 5.59
C GLY B 370 -5.19 15.35 5.72
N ALA B 371 -4.90 14.75 6.87
CA ALA B 371 -3.59 14.14 7.09
C ALA B 371 -3.32 13.12 5.98
N GLY B 372 -2.10 13.16 5.46
CA GLY B 372 -1.73 12.24 4.40
C GLY B 372 -1.38 10.88 4.97
N VAL B 373 -2.18 9.87 4.63
CA VAL B 373 -1.88 8.53 5.12
C VAL B 373 -0.82 7.90 4.22
N VAL B 374 0.33 7.57 4.77
CA VAL B 374 1.39 6.94 3.96
C VAL B 374 1.33 5.43 4.10
N THR B 375 1.16 4.97 5.35
CA THR B 375 1.05 3.55 5.66
C THR B 375 -0.31 3.33 6.30
N THR B 376 -1.06 2.35 5.78
CA THR B 376 -2.39 2.06 6.26
C THR B 376 -2.45 1.08 7.44
N ARG B 377 -3.64 0.95 8.02
CA ARG B 377 -3.89 0.04 9.13
C ARG B 377 -3.36 -1.36 8.83
N ALA B 378 -3.85 -1.94 7.75
CA ALA B 378 -3.48 -3.29 7.35
C ALA B 378 -1.98 -3.52 7.22
N HIS B 379 -1.24 -2.45 6.96
CA HIS B 379 0.21 -2.51 6.80
C HIS B 379 0.97 -2.67 8.10
N VAL B 380 0.62 -1.85 9.08
CA VAL B 380 1.31 -1.82 10.35
C VAL B 380 1.56 -3.15 11.07
N HIS B 381 2.76 -3.26 11.64
CA HIS B 381 3.14 -4.44 12.39
C HIS B 381 3.47 -3.94 13.78
N TYR B 382 4.61 -3.27 13.95
CA TYR B 382 4.99 -2.74 15.26
C TYR B 382 5.03 -1.23 15.25
N ILE B 383 4.80 -0.65 16.41
CA ILE B 383 4.85 0.79 16.60
C ILE B 383 5.53 0.95 17.95
N VAL B 384 6.68 1.64 17.97
CA VAL B 384 7.43 1.83 19.20
C VAL B 384 7.56 3.29 19.59
N THR B 385 7.61 3.51 20.90
CA THR B 385 7.75 4.84 21.47
C THR B 385 8.67 4.70 22.67
N GLU B 386 9.06 5.82 23.28
CA GLU B 386 9.93 5.79 24.43
C GLU B 386 9.28 5.02 25.59
N TYR B 387 8.00 4.67 25.42
CA TYR B 387 7.27 3.98 26.46
C TYR B 387 6.98 2.52 26.13
N GLY B 388 7.60 2.00 25.08
CA GLY B 388 7.35 0.60 24.73
C GLY B 388 6.90 0.36 23.31
N ALA B 389 6.54 -0.89 23.02
CA ALA B 389 6.12 -1.27 21.68
C ALA B 389 4.69 -1.82 21.66
N ALA B 390 4.02 -1.65 20.54
CA ALA B 390 2.66 -2.15 20.36
C ALA B 390 2.57 -2.95 19.06
N ASN B 391 2.12 -4.19 19.17
CA ASN B 391 1.98 -5.06 18.02
C ASN B 391 0.55 -5.00 17.52
N LEU B 392 0.32 -4.48 16.32
CA LEU B 392 -1.05 -4.38 15.82
C LEU B 392 -1.42 -5.47 14.82
N LYS B 393 -0.41 -6.24 14.39
CA LYS B 393 -0.60 -7.31 13.43
C LYS B 393 -1.69 -8.27 13.84
N GLY B 394 -2.76 -8.29 13.06
CA GLY B 394 -3.87 -9.18 13.36
C GLY B 394 -4.73 -8.72 14.55
N ARG B 395 -4.39 -7.60 15.16
CA ARG B 395 -5.18 -7.15 16.32
C ARG B 395 -6.42 -6.35 15.91
N SER B 396 -7.50 -6.52 16.66
CA SER B 396 -8.74 -5.78 16.35
C SER B 396 -8.60 -4.28 16.65
N LEU B 397 -9.63 -3.50 16.36
CA LEU B 397 -9.55 -2.07 16.63
C LEU B 397 -9.44 -1.78 18.11
N ARG B 398 -10.18 -2.49 18.95
CA ARG B 398 -10.06 -2.22 20.36
C ARG B 398 -8.72 -2.69 20.90
N GLU B 399 -8.18 -3.76 20.34
CA GLU B 399 -6.87 -4.27 20.78
C GLU B 399 -5.77 -3.29 20.41
N ARG B 400 -5.86 -2.74 19.20
CA ARG B 400 -4.90 -1.79 18.67
C ARG B 400 -4.91 -0.50 19.49
N ALA B 401 -6.10 0.05 19.71
CA ALA B 401 -6.23 1.27 20.48
C ALA B 401 -5.70 1.07 21.90
N GLN B 402 -6.00 -0.07 22.50
CA GLN B 402 -5.52 -0.33 23.83
C GLN B 402 -3.99 -0.31 23.87
N ALA B 403 -3.35 -1.08 22.98
CA ALA B 403 -1.90 -1.16 22.92
C ALA B 403 -1.26 0.19 22.61
N LEU B 404 -1.89 0.96 21.73
CA LEU B 404 -1.34 2.25 21.38
C LEU B 404 -1.35 3.23 22.55
N ILE B 405 -2.46 3.33 23.26
CA ILE B 405 -2.51 4.25 24.39
C ILE B 405 -1.52 3.85 25.46
N ASN B 406 -1.05 2.60 25.44
CA ASN B 406 -0.09 2.15 26.45
C ASN B 406 1.33 2.65 26.18
N ILE B 407 1.59 3.11 24.96
CA ILE B 407 2.92 3.61 24.63
C ILE B 407 2.85 5.11 24.36
N ALA B 408 1.65 5.67 24.52
CA ALA B 408 1.47 7.10 24.31
C ALA B 408 1.94 7.80 25.58
N HIS B 409 2.32 9.06 25.48
CA HIS B 409 2.77 9.77 26.68
C HIS B 409 1.63 9.79 27.70
N PRO B 410 1.91 9.45 28.97
CA PRO B 410 0.90 9.43 30.02
C PRO B 410 0.06 10.70 30.16
N ASP B 411 0.56 11.85 29.69
CA ASP B 411 -0.24 13.06 29.79
C ASP B 411 -1.43 13.05 28.83
N PHE B 412 -1.50 12.05 27.95
CA PHE B 412 -2.61 11.98 27.01
C PHE B 412 -3.40 10.69 27.08
N ARG B 413 -2.98 9.76 27.93
CA ARG B 413 -3.68 8.48 28.07
C ARG B 413 -5.17 8.67 28.31
N GLU B 414 -5.51 9.51 29.29
CA GLU B 414 -6.89 9.80 29.67
C GLU B 414 -7.72 10.24 28.46
N GLN B 415 -7.25 11.26 27.74
CA GLN B 415 -7.96 11.75 26.56
C GLN B 415 -8.10 10.64 25.52
N LEU B 416 -6.99 10.01 25.19
CA LEU B 416 -6.99 8.94 24.20
C LEU B 416 -7.98 7.87 24.60
N SER B 417 -7.91 7.44 25.85
CA SER B 417 -8.83 6.42 26.31
C SER B 417 -10.30 6.85 26.15
N ARG B 418 -10.59 8.13 26.41
CA ARG B 418 -11.96 8.64 26.27
C ARG B 418 -12.47 8.54 24.85
N ASP B 419 -11.74 9.15 23.93
CA ASP B 419 -12.10 9.14 22.52
C ASP B 419 -12.10 7.72 21.94
N ALA B 420 -11.56 6.77 22.69
CA ALA B 420 -11.53 5.39 22.22
C ALA B 420 -12.95 4.87 22.18
N PHE B 421 -13.78 5.40 23.07
CA PHE B 421 -15.18 4.99 23.14
C PHE B 421 -16.09 6.04 22.54
N GLU B 422 -15.77 7.30 22.78
CA GLU B 422 -16.58 8.39 22.27
C GLU B 422 -16.45 8.66 20.80
N VAL B 423 -15.28 8.34 20.25
CA VAL B 423 -15.06 8.57 18.83
C VAL B 423 -15.15 7.30 17.99
N TRP B 424 -14.52 6.24 18.46
CA TRP B 424 -14.52 4.97 17.73
C TRP B 424 -15.61 4.01 18.21
N GLY B 425 -16.19 4.29 19.37
CA GLY B 425 -17.24 3.43 19.88
C GLY B 425 -16.68 2.10 20.33
N LEU B 426 -15.45 2.12 20.83
CA LEU B 426 -14.85 0.88 21.27
C LEU B 426 -14.83 0.87 22.78
N ASN B 427 -15.04 -0.30 23.38
CA ASN B 427 -15.00 -0.42 24.82
C ASN B 427 -13.89 -1.37 25.21
N LEU B 428 -12.84 -0.79 25.79
CA LEU B 428 -11.65 -1.50 26.24
C LEU B 428 -11.86 -2.13 27.63
#